data_3UKV
#
_entry.id   3UKV
#
_cell.length_a   55.330
_cell.length_b   106.420
_cell.length_c   77.520
_cell.angle_alpha   90.00
_cell.angle_beta   97.51
_cell.angle_gamma   90.00
#
_symmetry.space_group_name_H-M   'P 1 21 1'
#
loop_
_entity.id
_entity.type
_entity.pdbx_description
1 polymer 'Novel protein similar to vertebrate potassium voltage-gated channel, subfamily H (Eag-related) family'
2 water water
#
_entity_poly.entity_id   1
_entity_poly.type   'polypeptide(L)'
_entity_poly.pdbx_seq_one_letter_code
;GAMDQRMYSRRSLYHTRTKDLKDFIRVHRLPKALAQRMLECFQTTWSVNNGIDVSELLKDFPDELRADIAMHLNKELLQL
PLFESASRGCLRSLSLIIKTSFCAPGEFLIRQGDALQAIYFVCSGSMEVLKDNTVLAILGKGDLIGSDSLTKEQVIKTNA
NVKALTYCDLQYISLKGLREVLRLYPEYAQKFVSEIQHDLTYNLREGSGADL
;
_entity_poly.pdbx_strand_id   B,A,C,D
#
# COMPACT_ATOMS: atom_id res chain seq x y z
N ARG A 10 1.06 -2.23 8.40
CA ARG A 10 0.38 -1.28 7.52
C ARG A 10 0.69 -1.58 6.06
N ARG A 11 0.13 -2.73 5.68
CA ARG A 11 0.28 -3.44 4.43
C ARG A 11 0.33 -4.89 4.91
N SER A 12 1.56 -5.41 5.12
CA SER A 12 1.77 -6.69 5.78
C SER A 12 2.40 -6.49 7.17
N LEU A 13 1.81 -7.12 8.18
CA LEU A 13 2.26 -7.01 9.56
C LEU A 13 3.73 -7.41 9.72
N TYR A 14 4.09 -8.51 9.08
CA TYR A 14 5.47 -9.02 9.05
C TYR A 14 6.52 -7.99 8.57
N HIS A 15 6.23 -7.27 7.49
CA HIS A 15 7.16 -6.26 6.99
C HIS A 15 7.27 -5.08 7.92
N THR A 16 6.13 -4.70 8.52
CA THR A 16 6.09 -3.60 9.46
C THR A 16 6.88 -3.97 10.71
N ARG A 17 6.63 -5.16 11.22
CA ARG A 17 7.33 -5.67 12.39
C ARG A 17 8.83 -5.85 12.11
N THR A 18 9.16 -6.33 10.91
CA THR A 18 10.55 -6.46 10.50
C THR A 18 11.22 -5.09 10.55
N LYS A 19 10.51 -4.08 10.07
CA LYS A 19 11.08 -2.74 10.02
C LYS A 19 11.19 -2.07 11.42
N ASP A 20 10.28 -2.40 12.33
CA ASP A 20 10.40 -1.93 13.70
C ASP A 20 11.62 -2.52 14.38
N LEU A 21 11.83 -3.82 14.17
CA LEU A 21 13.00 -4.50 14.70
C LEU A 21 14.27 -3.87 14.15
N LYS A 22 14.27 -3.54 12.85
CA LYS A 22 15.47 -3.02 12.21
C LYS A 22 15.82 -1.64 12.71
N ASP A 23 14.81 -0.85 13.07
CA ASP A 23 15.07 0.43 13.73
C ASP A 23 15.59 0.22 15.14
N PHE A 24 14.91 -0.63 15.90
CA PHE A 24 15.39 -0.93 17.24
C PHE A 24 16.88 -1.27 17.20
N ILE A 25 17.27 -2.07 16.22
CA ILE A 25 18.64 -2.55 16.13
C ILE A 25 19.53 -1.39 15.75
N ARG A 26 19.00 -0.47 14.95
CA ARG A 26 19.78 0.63 14.42
C ARG A 26 20.00 1.76 15.44
N VAL A 27 18.94 2.12 16.17
CA VAL A 27 18.98 3.18 17.16
C VAL A 27 19.85 2.82 18.36
N HIS A 28 20.16 1.55 18.54
CA HIS A 28 21.04 1.14 19.64
C HIS A 28 22.35 0.60 19.11
N ARG A 29 22.74 1.06 17.92
CA ARG A 29 24.00 0.67 17.33
C ARG A 29 24.40 -0.73 17.80
N LEU A 30 23.51 -1.70 17.57
CA LEU A 30 23.75 -3.10 17.91
C LEU A 30 24.57 -3.79 16.83
N PRO A 31 25.50 -4.66 17.27
CA PRO A 31 26.44 -5.31 16.34
C PRO A 31 25.75 -6.25 15.34
N LYS A 32 26.38 -6.42 14.19
CA LYS A 32 25.84 -7.21 13.06
C LYS A 32 25.51 -8.66 13.42
N ALA A 33 26.35 -9.28 14.23
CA ALA A 33 26.08 -10.67 14.62
C ALA A 33 24.88 -10.81 15.56
N LEU A 34 24.60 -9.78 16.35
CA LEU A 34 23.47 -9.81 17.27
C LEU A 34 22.19 -9.56 16.47
N ALA A 35 22.24 -8.54 15.62
CA ALA A 35 21.15 -8.18 14.72
C ALA A 35 20.78 -9.33 13.77
N GLN A 36 21.76 -10.11 13.35
CA GLN A 36 21.46 -11.26 12.50
C GLN A 36 20.71 -12.28 13.32
N ARG A 37 21.22 -12.57 14.53
CA ARG A 37 20.60 -13.55 15.41
C ARG A 37 19.18 -13.13 15.76
N MET A 38 18.98 -11.82 15.89
CA MET A 38 17.68 -11.26 16.23
C MET A 38 16.70 -11.44 15.08
N LEU A 39 17.11 -11.01 13.90
CA LEU A 39 16.31 -11.19 12.69
C LEU A 39 16.10 -12.67 12.34
N GLU A 40 17.12 -13.50 12.54
CA GLU A 40 16.95 -14.94 12.39
C GLU A 40 15.85 -15.45 13.31
N CYS A 41 15.89 -15.03 14.55
CA CYS A 41 14.99 -15.54 15.57
C CYS A 41 13.58 -15.07 15.32
N PHE A 42 13.50 -13.83 14.82
CA PHE A 42 12.24 -13.16 14.55
C PHE A 42 11.36 -13.85 13.51
N GLN A 43 11.93 -14.23 12.37
CA GLN A 43 11.15 -14.85 11.30
C GLN A 43 11.01 -16.33 11.53
N THR A 44 11.78 -16.81 12.50
CA THR A 44 11.74 -18.20 12.90
C THR A 44 10.64 -18.34 13.94
N THR A 45 10.34 -17.24 14.62
CA THR A 45 9.30 -17.24 15.64
C THR A 45 8.06 -16.43 15.25
N TRP A 46 8.15 -15.70 14.14
CA TRP A 46 7.06 -14.85 13.72
C TRP A 46 5.73 -15.58 13.53
N SER A 47 4.66 -14.88 13.90
CA SER A 47 3.31 -15.30 13.58
C SER A 47 2.45 -14.06 13.75
N VAL A 48 1.57 -13.83 12.81
CA VAL A 48 0.68 -12.69 12.82
C VAL A 48 -0.03 -12.47 14.16
N ASN A 49 -0.75 -13.48 14.62
CA ASN A 49 -1.39 -13.48 15.92
C ASN A 49 -0.53 -12.84 17.08
N ASN A 50 0.79 -12.97 17.00
CA ASN A 50 1.65 -12.40 18.04
C ASN A 50 2.18 -11.03 17.69
N GLY A 51 1.74 -10.48 16.56
CA GLY A 51 2.28 -9.24 16.09
C GLY A 51 1.15 -8.29 15.77
N ILE A 52 -0.06 -8.67 16.12
CA ILE A 52 -1.21 -7.89 15.72
C ILE A 52 -1.18 -6.47 16.27
N ASP A 53 -1.76 -5.54 15.48
CA ASP A 53 -1.78 -4.10 15.77
C ASP A 53 -2.93 -3.70 16.70
N VAL A 54 -2.62 -3.60 17.99
CA VAL A 54 -3.64 -3.32 19.02
C VAL A 54 -3.95 -1.84 19.26
N SER A 55 -3.23 -0.95 18.56
CA SER A 55 -3.55 0.47 18.54
C SER A 55 -5.01 0.66 18.28
N GLU A 56 -5.46 1.90 18.43
CA GLU A 56 -6.83 2.24 18.15
C GLU A 56 -6.93 3.74 17.87
N LEU A 57 -6.35 4.18 16.75
CA LEU A 57 -6.11 5.61 16.51
C LEU A 57 -7.33 6.53 16.31
N LEU A 58 -8.53 5.96 16.35
CA LEU A 58 -9.74 6.73 16.13
C LEU A 58 -10.50 6.91 17.43
N LYS A 59 -9.91 6.37 18.48
CA LYS A 59 -10.52 6.28 19.79
C LYS A 59 -10.87 7.67 20.30
N ASP A 60 -10.02 8.65 20.03
CA ASP A 60 -10.27 10.00 20.59
C ASP A 60 -10.95 10.97 19.67
N PHE A 61 -11.70 10.47 18.69
CA PHE A 61 -12.40 11.35 17.78
C PHE A 61 -13.82 11.52 18.29
N PRO A 62 -14.40 12.71 18.05
CA PRO A 62 -15.79 13.04 18.40
C PRO A 62 -16.70 12.03 17.73
N ASP A 63 -17.88 11.77 18.29
CA ASP A 63 -18.77 10.78 17.69
C ASP A 63 -19.27 11.15 16.29
N GLU A 64 -19.36 12.45 15.97
CA GLU A 64 -19.78 12.81 14.63
C GLU A 64 -18.75 12.40 13.60
N LEU A 65 -17.48 12.63 13.93
CA LEU A 65 -16.40 12.27 13.00
C LEU A 65 -16.31 10.76 12.89
N ARG A 66 -16.45 10.08 14.01
CA ARG A 66 -16.47 8.64 13.98
C ARG A 66 -17.59 8.13 13.06
N ALA A 67 -18.79 8.70 13.15
CA ALA A 67 -19.90 8.23 12.30
C ALA A 67 -19.61 8.45 10.79
N ASP A 68 -19.08 9.63 10.44
CA ASP A 68 -18.77 9.94 9.07
C ASP A 68 -17.73 8.97 8.55
N ILE A 69 -16.69 8.72 9.35
CA ILE A 69 -15.71 7.73 8.96
C ILE A 69 -16.37 6.36 8.75
N ALA A 70 -17.01 5.82 9.78
CA ALA A 70 -17.65 4.51 9.69
C ALA A 70 -18.53 4.36 8.45
N MET A 71 -19.25 5.42 8.13
CA MET A 71 -20.19 5.46 7.01
C MET A 71 -19.57 5.08 5.68
N HIS A 72 -18.25 5.15 5.62
CA HIS A 72 -17.51 4.95 4.38
C HIS A 72 -16.86 3.58 4.32
N LEU A 73 -17.09 2.78 5.35
CA LEU A 73 -16.42 1.50 5.45
C LEU A 73 -17.47 0.45 5.19
N ASN A 74 -17.06 -0.63 4.56
CA ASN A 74 -17.95 -1.75 4.38
C ASN A 74 -17.12 -3.01 4.48
N LYS A 75 -16.78 -3.34 5.71
CA LYS A 75 -15.94 -4.45 6.02
C LYS A 75 -16.64 -5.75 5.72
N GLU A 76 -15.97 -6.55 4.92
CA GLU A 76 -16.38 -7.92 4.61
C GLU A 76 -16.69 -8.73 5.86
N LEU A 77 -15.83 -8.65 6.86
CA LEU A 77 -16.02 -9.37 8.12
C LEU A 77 -17.43 -9.17 8.67
N LEU A 78 -17.88 -7.93 8.71
CA LEU A 78 -19.14 -7.63 9.37
C LEU A 78 -20.34 -7.97 8.50
N GLN A 79 -20.08 -8.61 7.36
CA GLN A 79 -21.16 -8.97 6.44
C GLN A 79 -21.63 -10.38 6.71
N LEU A 80 -21.03 -11.05 7.68
CA LEU A 80 -21.45 -12.41 8.01
C LEU A 80 -22.86 -12.42 8.60
N PRO A 81 -23.57 -13.56 8.46
CA PRO A 81 -24.90 -13.61 9.05
C PRO A 81 -24.76 -13.22 10.51
N LEU A 82 -23.65 -13.65 11.09
CA LEU A 82 -23.32 -13.41 12.50
C LEU A 82 -23.64 -12.01 12.99
N PHE A 83 -23.64 -11.03 12.11
CA PHE A 83 -23.81 -9.64 12.53
C PHE A 83 -25.14 -9.06 12.08
N GLU A 84 -26.03 -9.93 11.63
CA GLU A 84 -27.33 -9.50 11.14
C GLU A 84 -28.07 -8.67 12.18
N SER A 85 -27.96 -9.08 13.43
CA SER A 85 -28.74 -8.51 14.53
C SER A 85 -28.10 -7.32 15.25
N ALA A 86 -26.88 -6.96 14.87
CA ALA A 86 -26.19 -5.87 15.56
C ALA A 86 -26.78 -4.52 15.23
N SER A 87 -26.81 -3.64 16.24
CA SER A 87 -27.36 -2.29 16.10
C SER A 87 -26.38 -1.43 15.33
N ARG A 88 -26.88 -0.36 14.74
CA ARG A 88 -26.06 0.51 13.93
C ARG A 88 -24.84 0.98 14.66
N GLY A 89 -25.01 1.30 15.94
CA GLY A 89 -23.92 1.89 16.69
C GLY A 89 -22.89 0.84 17.02
N CYS A 90 -23.35 -0.37 17.29
CA CYS A 90 -22.45 -1.46 17.63
C CYS A 90 -21.57 -1.75 16.43
N LEU A 91 -22.19 -1.84 15.26
CA LEU A 91 -21.44 -2.12 14.04
C LEU A 91 -20.44 -1.02 13.66
N ARG A 92 -20.83 0.25 13.80
CA ARG A 92 -19.89 1.34 13.54
C ARG A 92 -18.63 1.22 14.40
N SER A 93 -18.79 0.82 15.66
CA SER A 93 -17.65 0.72 16.57
C SER A 93 -16.76 -0.46 16.20
N LEU A 94 -17.40 -1.57 15.81
CA LEU A 94 -16.65 -2.74 15.41
C LEU A 94 -15.89 -2.41 14.16
N SER A 95 -16.54 -1.69 13.25
CA SER A 95 -15.91 -1.38 11.98
C SER A 95 -14.70 -0.44 12.15
N LEU A 96 -14.69 0.34 13.22
CA LEU A 96 -13.57 1.26 13.45
C LEU A 96 -12.34 0.58 14.07
N ILE A 97 -12.49 -0.69 14.49
CA ILE A 97 -11.37 -1.39 15.10
C ILE A 97 -10.92 -2.63 14.34
N ILE A 98 -11.63 -2.98 13.25
CA ILE A 98 -11.16 -4.00 12.33
C ILE A 98 -9.86 -3.59 11.64
N LYS A 99 -8.89 -4.48 11.58
CA LYS A 99 -7.62 -4.22 10.89
C LYS A 99 -7.35 -5.28 9.83
N THR A 100 -6.31 -5.07 9.04
CA THR A 100 -5.92 -6.03 8.01
C THR A 100 -4.43 -6.39 8.01
N SER A 101 -4.11 -7.52 7.39
CA SER A 101 -2.72 -7.88 7.13
C SER A 101 -2.67 -8.85 5.98
N PHE A 102 -1.66 -8.67 5.13
CA PHE A 102 -1.39 -9.60 4.04
C PHE A 102 -0.63 -10.73 4.66
N CYS A 103 -0.66 -11.88 4.02
CA CYS A 103 0.03 -13.03 4.57
C CYS A 103 0.58 -13.86 3.42
N ALA A 104 1.86 -14.21 3.50
CA ALA A 104 2.55 -14.82 2.36
C ALA A 104 2.54 -16.33 2.50
N PRO A 105 2.66 -17.07 1.38
CA PRO A 105 2.69 -18.53 1.54
C PRO A 105 3.80 -18.97 2.48
N GLY A 106 3.49 -19.90 3.36
CA GLY A 106 4.46 -20.34 4.36
C GLY A 106 4.31 -19.61 5.68
N GLU A 107 3.77 -18.40 5.63
CA GLU A 107 3.62 -17.56 6.81
C GLU A 107 2.56 -18.10 7.79
N PHE A 108 2.85 -17.94 9.08
CA PHE A 108 1.98 -18.45 10.12
C PHE A 108 1.01 -17.36 10.59
N LEU A 109 -0.29 -17.64 10.58
CA LEU A 109 -1.26 -16.75 11.23
C LEU A 109 -1.22 -16.98 12.74
N ILE A 110 -1.08 -18.24 13.13
CA ILE A 110 -1.30 -18.66 14.48
C ILE A 110 -0.49 -19.92 14.74
N ARG A 111 0.37 -19.91 15.76
CA ARG A 111 1.13 -21.12 16.06
C ARG A 111 0.49 -21.93 17.17
N GLN A 112 0.37 -23.23 16.95
CA GLN A 112 -0.31 -24.11 17.90
C GLN A 112 0.21 -23.87 19.31
N GLY A 113 -0.71 -23.90 20.27
CA GLY A 113 -0.35 -23.77 21.67
C GLY A 113 -0.37 -22.36 22.21
N ASP A 114 -0.35 -21.38 21.31
CA ASP A 114 -0.31 -19.96 21.69
C ASP A 114 -1.65 -19.40 22.15
N ALA A 115 -1.63 -18.21 22.72
CA ALA A 115 -2.88 -17.56 23.08
C ALA A 115 -3.52 -16.91 21.85
N LEU A 116 -4.81 -17.16 21.67
CA LEU A 116 -5.60 -16.47 20.66
C LEU A 116 -5.78 -14.99 21.02
N GLN A 117 -5.47 -14.10 20.08
CA GLN A 117 -5.47 -12.68 20.36
C GLN A 117 -6.57 -11.91 19.62
N ALA A 118 -7.22 -12.56 18.65
CA ALA A 118 -8.15 -11.91 17.77
C ALA A 118 -8.97 -12.96 17.03
N ILE A 119 -10.04 -12.53 16.38
CA ILE A 119 -10.71 -13.39 15.41
C ILE A 119 -10.29 -12.92 14.03
N TYR A 120 -10.11 -13.88 13.12
CA TYR A 120 -9.60 -13.63 11.77
C TYR A 120 -10.59 -14.03 10.68
N PHE A 121 -10.70 -13.18 9.68
CA PHE A 121 -11.59 -13.40 8.54
C PHE A 121 -10.76 -13.37 7.24
N VAL A 122 -10.97 -14.34 6.35
CA VAL A 122 -10.26 -14.35 5.08
C VAL A 122 -10.96 -13.56 3.96
N CYS A 123 -10.36 -12.49 3.45
CA CYS A 123 -10.88 -11.83 2.27
C CYS A 123 -10.57 -12.69 1.08
N SER A 124 -9.28 -12.89 0.88
CA SER A 124 -8.77 -13.73 -0.17
C SER A 124 -7.69 -14.61 0.41
N GLY A 125 -7.30 -15.63 -0.35
CA GLY A 125 -6.21 -16.51 0.00
C GLY A 125 -6.77 -17.83 0.47
N SER A 126 -5.89 -18.80 0.63
CA SER A 126 -6.29 -20.08 1.15
C SER A 126 -5.32 -20.43 2.25
N MET A 127 -5.76 -21.20 3.22
CA MET A 127 -4.92 -21.50 4.35
C MET A 127 -5.19 -22.90 4.83
N GLU A 128 -4.22 -23.46 5.54
CA GLU A 128 -4.31 -24.82 6.03
C GLU A 128 -4.29 -24.81 7.54
N VAL A 129 -5.05 -25.72 8.14
CA VAL A 129 -4.98 -25.93 9.57
C VAL A 129 -4.19 -27.23 9.84
N LEU A 130 -3.27 -27.17 10.78
CA LEU A 130 -2.38 -28.29 11.02
C LEU A 130 -2.18 -28.57 12.49
N LYS A 131 -2.80 -29.65 13.02
CA LYS A 131 -2.45 -30.13 14.36
C LYS A 131 -1.18 -30.96 14.23
N ASP A 132 -0.11 -30.51 14.87
CA ASP A 132 1.19 -31.16 14.73
C ASP A 132 1.59 -31.19 13.26
N ASN A 133 1.53 -32.36 12.64
CA ASN A 133 1.76 -32.48 11.20
C ASN A 133 0.63 -33.27 10.54
N THR A 134 -0.48 -32.59 10.26
CA THR A 134 -1.70 -33.24 9.80
C THR A 134 -2.75 -32.19 9.45
N VAL A 135 -3.06 -32.02 8.16
CA VAL A 135 -4.11 -31.07 7.79
C VAL A 135 -5.43 -31.48 8.38
N LEU A 136 -6.15 -30.51 8.95
CA LEU A 136 -7.42 -30.76 9.59
C LEU A 136 -8.50 -29.95 8.87
N ALA A 137 -8.06 -29.02 8.04
CA ALA A 137 -9.00 -28.17 7.33
C ALA A 137 -8.26 -27.30 6.35
N ILE A 138 -8.94 -26.92 5.26
CA ILE A 138 -8.45 -25.89 4.36
C ILE A 138 -9.47 -24.76 4.32
N LEU A 139 -9.03 -23.53 4.56
CA LEU A 139 -9.92 -22.40 4.62
C LEU A 139 -9.67 -21.47 3.45
N GLY A 140 -10.68 -20.70 3.08
CA GLY A 140 -10.53 -19.75 2.00
C GLY A 140 -11.52 -18.61 2.13
N LYS A 141 -11.66 -17.84 1.05
CA LYS A 141 -12.49 -16.65 1.08
C LYS A 141 -13.79 -16.88 1.84
N GLY A 142 -14.05 -15.98 2.79
CA GLY A 142 -15.27 -16.02 3.60
C GLY A 142 -15.22 -16.69 4.98
N ASP A 143 -14.11 -17.36 5.29
CA ASP A 143 -14.02 -18.23 6.47
C ASP A 143 -13.61 -17.49 7.71
N LEU A 144 -14.08 -18.00 8.84
CA LEU A 144 -13.92 -17.34 10.12
C LEU A 144 -13.09 -18.25 11.02
N ILE A 145 -12.23 -17.64 11.82
CA ILE A 145 -11.27 -18.36 12.63
C ILE A 145 -11.15 -17.83 14.06
N GLY A 146 -11.45 -18.68 15.03
CA GLY A 146 -11.20 -18.32 16.41
C GLY A 146 -11.70 -19.37 17.38
N SER A 147 -12.45 -18.92 18.38
CA SER A 147 -12.91 -19.81 19.44
C SER A 147 -14.39 -19.62 19.73
N ASP A 148 -14.95 -20.53 20.52
CA ASP A 148 -16.35 -20.48 20.89
C ASP A 148 -16.60 -19.54 22.05
N SER A 149 -15.65 -19.45 22.98
CA SER A 149 -15.89 -18.80 24.27
C SER A 149 -15.09 -17.52 24.37
N LEU A 150 -15.53 -16.52 23.60
CA LEU A 150 -14.76 -15.31 23.35
C LEU A 150 -14.96 -14.22 24.38
N THR A 151 -15.95 -14.38 25.25
CA THR A 151 -16.24 -13.38 26.27
C THR A 151 -15.72 -13.78 27.66
N LYS A 152 -15.27 -15.03 27.79
CA LYS A 152 -14.92 -15.65 29.09
C LYS A 152 -14.80 -14.72 30.32
N GLU A 153 -13.75 -13.90 30.42
CA GLU A 153 -12.71 -13.75 29.41
C GLU A 153 -11.32 -14.05 29.97
N GLN A 154 -10.91 -15.32 29.86
CA GLN A 154 -9.58 -15.73 30.29
C GLN A 154 -8.64 -15.80 29.09
N VAL A 155 -7.99 -16.95 28.96
CA VAL A 155 -7.04 -17.20 27.89
C VAL A 155 -7.54 -18.38 27.04
N ILE A 156 -7.14 -18.36 25.77
CA ILE A 156 -7.53 -19.40 24.81
C ILE A 156 -6.31 -20.00 24.10
N LYS A 157 -5.89 -21.18 24.53
CA LYS A 157 -4.72 -21.80 23.91
C LYS A 157 -5.20 -22.41 22.61
N THR A 158 -4.49 -22.13 21.52
CA THR A 158 -4.91 -22.59 20.20
C THR A 158 -4.47 -24.01 19.94
N ASN A 159 -5.42 -24.84 19.58
CA ASN A 159 -5.19 -26.26 19.37
C ASN A 159 -4.53 -26.67 18.04
N ALA A 160 -4.23 -25.71 17.18
CA ALA A 160 -3.57 -26.00 15.91
C ALA A 160 -2.91 -24.77 15.31
N ASN A 161 -2.09 -25.00 14.28
CA ASN A 161 -1.41 -23.91 13.61
C ASN A 161 -2.27 -23.47 12.44
N VAL A 162 -2.15 -22.20 12.06
CA VAL A 162 -2.78 -21.71 10.84
C VAL A 162 -1.72 -21.00 10.00
N LYS A 163 -1.49 -21.53 8.79
CA LYS A 163 -0.54 -20.96 7.82
C LYS A 163 -1.21 -20.62 6.50
N ALA A 164 -0.70 -19.59 5.85
CA ALA A 164 -1.13 -19.25 4.51
C ALA A 164 -0.55 -20.26 3.51
N LEU A 165 -1.41 -20.82 2.66
CA LEU A 165 -0.95 -21.60 1.51
C LEU A 165 -0.62 -20.67 0.34
N THR A 166 -1.58 -19.83 -0.04
CA THR A 166 -1.32 -18.76 -0.99
C THR A 166 -1.12 -17.40 -0.28
N TYR A 167 -0.95 -16.36 -1.08
CA TYR A 167 -1.01 -15.00 -0.57
C TYR A 167 -2.41 -14.71 -0.03
N CYS A 168 -2.47 -14.32 1.24
CA CYS A 168 -3.73 -14.01 1.88
C CYS A 168 -3.91 -12.56 2.28
N ASP A 169 -5.16 -12.14 2.29
CA ASP A 169 -5.51 -10.89 2.89
C ASP A 169 -6.50 -11.24 3.98
N LEU A 170 -6.21 -10.82 5.20
CA LEU A 170 -7.05 -11.15 6.34
C LEU A 170 -7.59 -9.92 7.01
N GLN A 171 -8.74 -10.07 7.63
CA GLN A 171 -9.28 -9.05 8.50
C GLN A 171 -9.32 -9.58 9.92
N TYR A 172 -9.19 -8.71 10.92
CA TYR A 172 -9.26 -9.22 12.29
C TYR A 172 -9.77 -8.21 13.29
N ILE A 173 -10.22 -8.70 14.44
CA ILE A 173 -10.53 -7.87 15.57
C ILE A 173 -9.87 -8.48 16.81
N SER A 174 -9.07 -7.68 17.50
CA SER A 174 -8.45 -8.16 18.73
C SER A 174 -9.57 -8.50 19.70
N LEU A 175 -9.31 -9.45 20.59
CA LEU A 175 -10.32 -9.91 21.52
C LEU A 175 -10.64 -8.84 22.56
N LYS A 176 -9.61 -8.10 22.95
CA LYS A 176 -9.80 -7.03 23.91
C LYS A 176 -10.74 -5.98 23.33
N GLY A 177 -10.58 -5.75 22.03
CA GLY A 177 -11.34 -4.71 21.34
C GLY A 177 -12.76 -5.18 21.16
N LEU A 178 -12.90 -6.47 20.83
CA LEU A 178 -14.18 -7.12 20.62
C LEU A 178 -15.02 -7.21 21.90
N ARG A 179 -14.35 -7.36 23.04
CA ARG A 179 -15.07 -7.55 24.30
C ARG A 179 -15.50 -6.23 24.88
N GLU A 180 -14.72 -5.18 24.63
CA GLU A 180 -15.09 -3.86 25.13
C GLU A 180 -16.34 -3.41 24.39
N VAL A 181 -16.37 -3.64 23.07
CA VAL A 181 -17.54 -3.32 22.26
C VAL A 181 -18.74 -4.17 22.64
N LEU A 182 -18.52 -5.48 22.84
CA LEU A 182 -19.65 -6.35 23.23
C LEU A 182 -20.22 -6.02 24.61
N ARG A 183 -19.36 -5.61 25.54
CA ARG A 183 -19.87 -5.22 26.83
C ARG A 183 -20.85 -4.08 26.65
N LEU A 184 -20.64 -3.27 25.62
CA LEU A 184 -21.49 -2.09 25.38
C LEU A 184 -22.83 -2.41 24.72
N TYR A 185 -22.89 -3.51 23.97
CA TYR A 185 -24.16 -3.91 23.39
C TYR A 185 -24.48 -5.35 23.79
N PRO A 186 -24.86 -5.55 25.05
CA PRO A 186 -24.98 -6.86 25.73
C PRO A 186 -26.19 -7.69 25.30
N GLU A 187 -27.28 -7.05 24.90
CA GLU A 187 -28.39 -7.80 24.35
C GLU A 187 -27.93 -8.42 23.04
N TYR A 188 -27.09 -7.69 22.31
CA TYR A 188 -26.54 -8.21 21.07
C TYR A 188 -25.47 -9.28 21.30
N ALA A 189 -24.49 -8.97 22.12
CA ALA A 189 -23.56 -9.97 22.67
C ALA A 189 -24.23 -11.32 22.92
N GLN A 190 -25.41 -11.30 23.54
CA GLN A 190 -26.13 -12.53 23.78
C GLN A 190 -26.25 -13.36 22.47
N LYS A 191 -26.43 -12.67 21.34
CA LYS A 191 -26.57 -13.35 20.05
C LYS A 191 -25.22 -13.54 19.35
N PHE A 192 -24.20 -12.83 19.78
CA PHE A 192 -22.88 -13.16 19.30
C PHE A 192 -22.58 -14.58 19.77
N VAL A 193 -22.60 -14.76 21.09
CA VAL A 193 -22.37 -16.07 21.68
C VAL A 193 -23.26 -17.21 21.12
N SER A 194 -24.55 -16.95 20.91
CA SER A 194 -25.42 -17.98 20.34
C SER A 194 -25.12 -18.34 18.87
N GLU A 195 -24.99 -17.33 18.03
CA GLU A 195 -24.93 -17.56 16.59
C GLU A 195 -23.51 -17.81 16.07
N ILE A 196 -22.53 -17.77 16.95
CA ILE A 196 -21.15 -17.82 16.49
C ILE A 196 -20.84 -19.17 15.83
N GLN A 197 -21.36 -20.22 16.43
CA GLN A 197 -21.15 -21.57 15.93
C GLN A 197 -21.51 -21.68 14.45
N HIS A 198 -22.47 -20.88 14.00
CA HIS A 198 -22.95 -20.96 12.62
C HIS A 198 -21.94 -20.45 11.58
N ASP A 199 -21.11 -19.49 11.96
CA ASP A 199 -20.12 -18.96 11.02
C ASP A 199 -18.70 -19.44 11.34
N LEU A 200 -18.49 -19.89 12.57
CA LEU A 200 -17.16 -20.29 12.99
C LEU A 200 -16.68 -21.46 12.16
N THR A 201 -15.99 -21.12 11.09
CA THR A 201 -15.45 -22.08 10.14
C THR A 201 -14.48 -23.05 10.79
N TYR A 202 -13.78 -22.58 11.82
CA TYR A 202 -12.90 -23.46 12.61
C TYR A 202 -12.72 -22.93 14.02
N ASN A 203 -12.75 -23.84 15.00
CA ASN A 203 -12.66 -23.51 16.42
C ASN A 203 -11.34 -23.92 17.08
N LEU A 204 -10.58 -22.95 17.56
CA LEU A 204 -9.27 -23.18 18.17
C LEU A 204 -9.25 -23.33 19.69
N ARG A 205 -10.40 -23.26 20.35
CA ARG A 205 -10.45 -23.36 21.82
C ARG A 205 -9.62 -24.52 22.36
N SER B 12 9.57 9.48 17.01
CA SER B 12 8.41 10.35 17.23
C SER B 12 7.09 9.68 16.93
N LEU B 13 6.31 9.39 17.97
CA LEU B 13 5.03 8.70 17.82
C LEU B 13 4.04 9.51 17.02
N TYR B 14 4.10 10.83 17.19
CA TYR B 14 3.19 11.71 16.51
C TYR B 14 3.27 11.51 15.00
N HIS B 15 4.43 11.75 14.43
CA HIS B 15 4.67 11.47 13.04
C HIS B 15 4.35 10.03 12.63
N THR B 16 4.86 9.03 13.35
CA THR B 16 4.50 7.65 13.05
C THR B 16 2.98 7.49 13.01
N ARG B 17 2.30 7.99 14.05
CA ARG B 17 0.86 7.86 14.15
C ARG B 17 0.14 8.59 13.03
N THR B 18 0.69 9.74 12.66
CA THR B 18 0.18 10.51 11.53
C THR B 18 0.26 9.70 10.24
N LYS B 19 1.38 9.02 10.01
CA LYS B 19 1.52 8.12 8.88
C LYS B 19 0.45 7.01 8.93
N ASP B 20 0.30 6.37 10.07
CA ASP B 20 -0.76 5.37 10.21
C ASP B 20 -2.09 5.94 9.68
N LEU B 21 -2.37 7.19 10.04
CA LEU B 21 -3.67 7.77 9.78
C LEU B 21 -3.81 8.10 8.31
N LYS B 22 -2.74 8.54 7.70
CA LYS B 22 -2.80 8.87 6.29
C LYS B 22 -2.96 7.59 5.50
N ASP B 23 -2.32 6.52 5.95
CA ASP B 23 -2.49 5.20 5.34
C ASP B 23 -3.94 4.81 5.41
N PHE B 24 -4.50 4.89 6.61
CA PHE B 24 -5.90 4.61 6.80
C PHE B 24 -6.80 5.40 5.86
N ILE B 25 -6.43 6.64 5.59
CA ILE B 25 -7.24 7.46 4.71
C ILE B 25 -7.11 6.95 3.27
N ARG B 26 -5.86 6.78 2.84
CA ARG B 26 -5.52 6.32 1.50
C ARG B 26 -6.16 4.97 1.20
N VAL B 27 -5.98 3.99 2.09
CA VAL B 27 -6.52 2.67 1.85
C VAL B 27 -8.04 2.63 1.83
N HIS B 28 -8.72 3.43 2.61
CA HIS B 28 -10.19 3.37 2.55
C HIS B 28 -10.77 4.38 1.59
N ARG B 29 -9.93 4.90 0.70
CA ARG B 29 -10.38 5.82 -0.35
C ARG B 29 -11.37 6.87 0.21
N LEU B 30 -10.99 7.53 1.31
CA LEU B 30 -11.86 8.50 2.01
C LEU B 30 -11.75 9.88 1.40
N PRO B 31 -12.89 10.54 1.26
CA PRO B 31 -13.02 11.86 0.62
C PRO B 31 -12.10 12.91 1.23
N LYS B 32 -11.47 13.70 0.36
CA LYS B 32 -10.54 14.74 0.75
C LYS B 32 -11.06 15.62 1.90
N ALA B 33 -12.35 15.96 1.85
CA ALA B 33 -12.97 16.75 2.92
C ALA B 33 -12.98 16.05 4.29
N LEU B 34 -13.43 14.79 4.29
CA LEU B 34 -13.34 13.95 5.47
C LEU B 34 -11.87 13.71 5.85
N ALA B 35 -11.00 13.40 4.89
CA ALA B 35 -9.58 13.30 5.20
C ALA B 35 -9.09 14.52 6.00
N GLN B 36 -9.54 15.70 5.60
CA GLN B 36 -9.07 16.95 6.18
C GLN B 36 -9.54 17.10 7.63
N ARG B 37 -10.82 16.84 7.87
CA ARG B 37 -11.34 16.81 9.21
C ARG B 37 -10.59 15.80 10.10
N MET B 38 -10.33 14.61 9.57
CA MET B 38 -9.57 13.62 10.31
C MET B 38 -8.17 14.08 10.76
N LEU B 39 -7.48 14.80 9.89
CA LEU B 39 -6.11 15.18 10.15
C LEU B 39 -6.03 16.33 11.14
N GLU B 40 -6.99 17.24 11.01
CA GLU B 40 -7.10 18.39 11.89
C GLU B 40 -7.43 17.96 13.31
N CYS B 41 -8.43 17.09 13.42
CA CYS B 41 -8.78 16.55 14.71
C CYS B 41 -7.69 15.63 15.22
N PHE B 42 -6.77 15.23 14.37
CA PHE B 42 -5.69 14.42 14.91
C PHE B 42 -4.70 15.28 15.69
N GLN B 43 -4.29 16.40 15.13
CA GLN B 43 -3.30 17.23 15.79
C GLN B 43 -3.92 17.97 16.99
N THR B 44 -5.24 18.08 16.97
CA THR B 44 -5.98 18.78 18.01
C THR B 44 -6.32 17.88 19.20
N THR B 45 -6.45 16.58 18.99
CA THR B 45 -6.73 15.70 20.11
C THR B 45 -5.57 14.80 20.47
N TRP B 46 -4.42 15.03 19.83
CA TRP B 46 -3.24 14.21 20.04
C TRP B 46 -2.58 14.39 21.40
N SER B 47 -2.05 13.28 21.92
CA SER B 47 -1.27 13.24 23.15
C SER B 47 -0.45 11.96 23.12
N VAL B 48 0.84 12.04 23.43
CA VAL B 48 1.71 10.87 23.48
C VAL B 48 1.17 9.74 24.38
N ASN B 49 0.62 10.10 25.53
CA ASN B 49 0.08 9.12 26.45
C ASN B 49 -0.99 8.21 25.79
N ASN B 50 -1.84 8.81 24.97
CA ASN B 50 -2.95 8.07 24.35
C ASN B 50 -2.56 7.32 23.09
N GLY B 51 -1.29 7.38 22.71
CA GLY B 51 -0.80 6.76 21.50
C GLY B 51 0.52 6.05 21.69
N ILE B 52 0.79 5.54 22.89
CA ILE B 52 2.09 4.88 23.17
C ILE B 52 2.34 3.57 22.41
N ASP B 53 3.60 3.32 22.09
CA ASP B 53 4.03 2.03 21.53
C ASP B 53 3.86 0.86 22.52
N VAL B 54 2.93 -0.05 22.25
CA VAL B 54 2.61 -1.13 23.19
C VAL B 54 3.03 -2.53 22.72
N SER B 55 3.55 -2.62 21.50
CA SER B 55 4.14 -3.85 20.98
C SER B 55 5.35 -4.34 21.81
N GLU B 56 5.50 -5.65 21.95
CA GLU B 56 6.67 -6.21 22.64
C GLU B 56 7.37 -7.16 21.69
N LEU B 57 8.16 -6.58 20.79
CA LEU B 57 8.81 -7.31 19.72
C LEU B 57 9.76 -8.42 20.19
N LEU B 58 10.39 -8.24 21.36
CA LEU B 58 11.37 -9.21 21.86
C LEU B 58 10.79 -10.22 22.85
N LYS B 59 9.47 -10.17 23.05
CA LYS B 59 8.81 -11.02 24.04
C LYS B 59 9.13 -12.51 23.86
N ASP B 60 9.14 -12.99 22.62
CA ASP B 60 9.25 -14.43 22.39
C ASP B 60 10.66 -14.90 22.04
N PHE B 61 11.68 -14.11 22.35
CA PHE B 61 13.06 -14.49 22.07
C PHE B 61 13.60 -15.36 23.20
N PRO B 62 14.51 -16.32 22.86
CA PRO B 62 15.15 -17.18 23.85
C PRO B 62 15.74 -16.33 24.96
N ASP B 63 15.84 -16.87 26.17
CA ASP B 63 16.35 -16.09 27.30
C ASP B 63 17.79 -15.63 27.08
N GLU B 64 18.56 -16.42 26.34
CA GLU B 64 19.96 -16.12 26.08
C GLU B 64 20.11 -14.95 25.14
N LEU B 65 19.28 -14.91 24.12
CA LEU B 65 19.29 -13.83 23.13
C LEU B 65 18.80 -12.52 23.76
N ARG B 66 17.85 -12.65 24.68
CA ARG B 66 17.32 -11.52 25.41
C ARG B 66 18.35 -10.92 26.36
N ALA B 67 19.08 -11.75 27.09
CA ALA B 67 20.17 -11.24 27.93
C ALA B 67 21.31 -10.57 27.13
N ASP B 68 21.59 -11.02 25.90
CA ASP B 68 22.56 -10.31 25.06
C ASP B 68 22.07 -8.93 24.67
N ILE B 69 20.84 -8.83 24.18
CA ILE B 69 20.32 -7.54 23.79
C ILE B 69 20.32 -6.56 24.96
N ALA B 70 19.89 -7.02 26.13
CA ALA B 70 19.81 -6.19 27.34
C ALA B 70 21.16 -5.60 27.76
N MET B 71 22.21 -6.41 27.68
CA MET B 71 23.57 -5.96 28.04
C MET B 71 24.04 -4.74 27.24
N HIS B 72 23.50 -4.54 26.03
CA HIS B 72 23.85 -3.41 25.15
C HIS B 72 23.00 -2.18 25.41
N LEU B 73 22.01 -2.32 26.27
CA LEU B 73 21.17 -1.21 26.65
C LEU B 73 21.74 -0.58 27.91
N ASN B 74 21.49 0.71 28.08
CA ASN B 74 21.80 1.35 29.34
C ASN B 74 20.82 2.49 29.55
N LYS B 75 19.61 2.14 29.93
CA LYS B 75 18.57 3.15 29.95
C LYS B 75 18.71 4.13 31.12
N GLU B 76 18.62 5.42 30.78
CA GLU B 76 18.74 6.48 31.75
C GLU B 76 17.65 6.30 32.76
N LEU B 77 16.48 5.91 32.27
CA LEU B 77 15.31 5.73 33.14
C LEU B 77 15.60 4.77 34.30
N LEU B 78 16.43 3.76 34.06
CA LEU B 78 16.67 2.71 35.07
C LEU B 78 17.81 3.07 36.04
N GLN B 79 18.45 4.21 35.78
CA GLN B 79 19.59 4.62 36.60
C GLN B 79 19.09 5.28 37.87
N LEU B 80 17.83 5.68 37.86
CA LEU B 80 17.20 6.23 39.02
C LEU B 80 17.57 5.44 40.27
N PRO B 81 17.71 6.14 41.41
CA PRO B 81 17.96 5.43 42.68
C PRO B 81 16.82 4.47 43.00
N LEU B 82 15.65 4.76 42.48
CA LEU B 82 14.49 3.90 42.61
C LEU B 82 14.72 2.43 42.23
N PHE B 83 15.73 2.14 41.41
CA PHE B 83 16.00 0.75 41.06
C PHE B 83 17.28 0.27 41.66
N GLU B 84 17.75 0.94 42.69
CA GLU B 84 18.99 0.51 43.30
C GLU B 84 18.91 -0.95 43.73
N SER B 85 17.74 -1.35 44.21
CA SER B 85 17.61 -2.68 44.80
C SER B 85 16.97 -3.74 43.91
N ALA B 86 16.81 -3.47 42.61
CA ALA B 86 16.22 -4.44 41.72
C ALA B 86 17.22 -5.49 41.24
N SER B 87 16.76 -6.70 40.99
CA SER B 87 17.68 -7.71 40.54
C SER B 87 17.91 -7.60 39.04
N ARG B 88 18.98 -8.26 38.59
CA ARG B 88 19.41 -8.27 37.21
C ARG B 88 18.29 -8.77 36.30
N GLY B 89 17.59 -9.82 36.70
CA GLY B 89 16.46 -10.31 35.93
C GLY B 89 15.40 -9.23 35.77
N CYS B 90 15.10 -8.60 36.90
CA CYS B 90 14.19 -7.48 36.89
C CYS B 90 14.68 -6.32 35.94
N LEU B 91 15.96 -5.97 36.01
CA LEU B 91 16.44 -4.84 35.24
C LEU B 91 16.55 -5.16 33.75
N ARG B 92 16.98 -6.38 33.42
CA ARG B 92 17.01 -6.81 32.04
C ARG B 92 15.62 -6.72 31.44
N SER B 93 14.59 -7.20 32.15
CA SER B 93 13.22 -7.12 31.62
C SER B 93 12.71 -5.71 31.52
N LEU B 94 12.94 -4.93 32.58
CA LEU B 94 12.55 -3.53 32.57
C LEU B 94 13.15 -2.85 31.38
N SER B 95 14.40 -3.16 31.09
CA SER B 95 15.09 -2.46 30.04
C SER B 95 14.57 -2.86 28.67
N LEU B 96 14.24 -4.13 28.51
CA LEU B 96 13.78 -4.61 27.22
C LEU B 96 12.41 -4.04 26.79
N ILE B 97 11.61 -3.57 27.76
CA ILE B 97 10.32 -2.94 27.45
C ILE B 97 10.26 -1.42 27.54
N ILE B 98 11.40 -0.76 27.62
CA ILE B 98 11.43 0.69 27.68
C ILE B 98 11.31 1.31 26.28
N LYS B 99 10.36 2.23 26.12
CA LYS B 99 10.19 2.88 24.83
C LYS B 99 10.66 4.32 24.89
N THR B 100 10.89 4.93 23.74
CA THR B 100 11.27 6.32 23.75
C THR B 100 10.51 7.11 22.70
N SER B 101 10.24 8.38 22.99
CA SER B 101 9.63 9.28 22.01
C SER B 101 10.27 10.66 22.10
N PHE B 102 10.51 11.29 20.95
CA PHE B 102 11.00 12.67 20.90
C PHE B 102 9.78 13.54 20.73
N CYS B 103 9.77 14.67 21.44
CA CYS B 103 8.62 15.58 21.42
C CYS B 103 8.96 16.94 20.81
N ALA B 104 7.99 17.47 20.08
CA ALA B 104 8.08 18.81 19.51
C ALA B 104 7.44 19.77 20.47
N PRO B 105 7.88 21.02 20.43
CA PRO B 105 7.27 22.03 21.30
C PRO B 105 5.75 22.02 21.19
N GLY B 106 5.07 22.41 22.26
CA GLY B 106 3.62 22.51 22.29
C GLY B 106 2.87 21.20 22.21
N GLU B 107 3.58 20.09 21.96
CA GLU B 107 2.95 18.77 21.85
C GLU B 107 2.59 18.25 23.23
N PHE B 108 1.42 17.62 23.35
CA PHE B 108 0.95 17.13 24.64
C PHE B 108 1.53 15.78 24.97
N LEU B 109 2.01 15.62 26.18
CA LEU B 109 2.37 14.31 26.70
C LEU B 109 1.12 13.65 27.29
N ILE B 110 0.47 14.37 28.20
CA ILE B 110 -0.80 13.91 28.79
C ILE B 110 -1.83 15.03 28.70
N ARG B 111 -3.10 14.66 28.69
CA ARG B 111 -4.17 15.64 28.85
C ARG B 111 -4.92 15.35 30.14
N GLN B 112 -5.24 16.42 30.87
CA GLN B 112 -6.04 16.31 32.07
C GLN B 112 -7.23 15.40 31.83
N GLY B 113 -7.56 14.58 32.82
CA GLY B 113 -8.72 13.71 32.72
C GLY B 113 -8.51 12.33 32.09
N ASP B 114 -7.43 12.15 31.33
CA ASP B 114 -7.20 10.83 30.73
C ASP B 114 -6.47 9.88 31.67
N ALA B 115 -6.62 8.59 31.41
CA ALA B 115 -5.99 7.55 32.20
C ALA B 115 -4.48 7.49 31.95
N LEU B 116 -3.70 7.46 33.02
CA LEU B 116 -2.28 7.27 32.85
C LEU B 116 -2.04 5.95 32.15
N GLN B 117 -1.32 5.98 31.04
CA GLN B 117 -0.99 4.73 30.36
C GLN B 117 0.41 4.25 30.68
N ALA B 118 1.27 5.16 31.16
CA ALA B 118 2.69 4.87 31.31
C ALA B 118 3.35 5.73 32.37
N ILE B 119 4.63 5.48 32.62
CA ILE B 119 5.41 6.46 33.36
C ILE B 119 6.52 6.95 32.46
N TYR B 120 6.84 8.23 32.61
CA TYR B 120 7.70 8.90 31.66
C TYR B 120 8.92 9.44 32.35
N PHE B 121 10.05 9.31 31.67
CA PHE B 121 11.31 9.87 32.13
C PHE B 121 11.76 10.93 31.13
N VAL B 122 12.43 11.97 31.60
CA VAL B 122 12.83 13.09 30.72
C VAL B 122 14.33 13.10 30.44
N CYS B 123 14.74 12.51 29.34
CA CYS B 123 16.15 12.51 29.01
C CYS B 123 16.64 13.93 28.72
N SER B 124 15.79 14.74 28.11
CA SER B 124 16.18 16.11 27.76
C SER B 124 14.99 16.97 27.35
N GLY B 125 15.07 18.26 27.67
CA GLY B 125 14.00 19.17 27.32
C GLY B 125 13.32 19.81 28.51
N SER B 126 12.50 20.81 28.24
CA SER B 126 11.72 21.47 29.26
C SER B 126 10.26 21.23 28.95
N MET B 127 9.50 20.84 29.96
CA MET B 127 8.07 20.61 29.82
C MET B 127 7.25 21.43 30.79
N GLU B 128 6.02 21.76 30.40
CA GLU B 128 5.09 22.45 31.28
C GLU B 128 4.10 21.50 31.93
N VAL B 129 3.79 21.76 33.19
CA VAL B 129 2.67 21.08 33.86
C VAL B 129 1.62 22.11 34.15
N LEU B 130 0.44 21.92 33.59
CA LEU B 130 -0.59 22.96 33.62
C LEU B 130 -1.96 22.38 33.96
N LYS B 131 -2.37 22.52 35.21
CA LYS B 131 -3.73 22.16 35.60
C LYS B 131 -4.68 23.31 35.26
N ASP B 132 -5.65 23.01 34.39
CA ASP B 132 -6.50 24.04 33.81
C ASP B 132 -5.68 25.10 33.08
N ASN B 133 -5.52 26.26 33.72
CA ASN B 133 -4.77 27.35 33.13
C ASN B 133 -3.73 27.92 34.07
N THR B 134 -3.10 27.05 34.83
CA THR B 134 -1.99 27.45 35.66
C THR B 134 -0.82 26.49 35.54
N VAL B 135 0.37 27.06 35.39
CA VAL B 135 1.62 26.33 35.38
C VAL B 135 2.01 25.97 36.81
N LEU B 136 2.15 24.66 37.08
CA LEU B 136 2.52 24.18 38.41
C LEU B 136 4.01 23.93 38.50
N ALA B 137 4.60 23.40 37.44
CA ALA B 137 6.03 23.17 37.39
C ALA B 137 6.51 23.26 35.94
N ILE B 138 7.79 23.54 35.74
CA ILE B 138 8.37 23.26 34.42
C ILE B 138 9.40 22.14 34.63
N LEU B 139 9.17 21.01 33.98
CA LEU B 139 9.97 19.80 34.20
C LEU B 139 11.18 19.73 33.25
N GLY B 140 12.20 18.96 33.61
CA GLY B 140 13.33 18.77 32.71
C GLY B 140 14.20 17.55 33.03
N LYS B 141 15.41 17.55 32.46
CA LYS B 141 16.34 16.41 32.56
C LYS B 141 16.33 15.71 33.91
N GLY B 142 15.92 14.45 33.92
CA GLY B 142 15.95 13.66 35.14
C GLY B 142 14.65 13.56 35.92
N ASP B 143 13.59 14.21 35.44
CA ASP B 143 12.31 14.18 36.13
C ASP B 143 11.48 12.99 35.70
N LEU B 144 10.91 12.30 36.67
CA LEU B 144 10.07 11.15 36.46
C LEU B 144 8.62 11.57 36.65
N ILE B 145 7.79 11.37 35.63
CA ILE B 145 6.37 11.70 35.72
C ILE B 145 5.54 10.43 35.86
N GLY B 146 4.65 10.39 36.84
CA GLY B 146 3.88 9.19 37.10
C GLY B 146 2.73 9.35 38.07
N SER B 147 2.50 8.30 38.83
CA SER B 147 1.46 8.26 39.86
C SER B 147 2.00 7.37 40.97
N ASP B 148 1.27 7.24 42.07
CA ASP B 148 1.81 6.56 43.24
C ASP B 148 1.37 5.10 43.38
N SER B 149 0.06 4.86 43.40
CA SER B 149 -0.42 3.47 43.44
C SER B 149 -0.53 2.98 41.99
N LEU B 150 0.64 2.76 41.43
CA LEU B 150 0.83 2.36 40.04
C LEU B 150 0.64 0.86 39.92
N THR B 151 0.37 0.22 41.05
CA THR B 151 0.29 -1.23 41.07
C THR B 151 -1.14 -1.72 41.29
N LYS B 152 -1.97 -0.88 41.91
CA LYS B 152 -3.27 -1.28 42.48
C LYS B 152 -3.91 -2.57 41.94
N GLU B 153 -4.29 -2.60 40.66
CA GLU B 153 -4.31 -1.43 39.79
C GLU B 153 -5.50 -1.45 38.88
N GLN B 154 -6.11 -0.28 38.73
CA GLN B 154 -7.30 -0.14 37.92
C GLN B 154 -7.06 0.93 36.87
N VAL B 155 -7.45 2.16 37.21
CA VAL B 155 -7.38 3.28 36.27
C VAL B 155 -7.04 4.58 36.97
N ILE B 156 -5.99 5.24 36.49
CA ILE B 156 -5.60 6.53 37.05
C ILE B 156 -5.95 7.66 36.09
N LYS B 157 -6.94 8.47 36.45
CA LYS B 157 -7.29 9.63 35.64
C LYS B 157 -6.37 10.76 36.04
N THR B 158 -5.65 11.29 35.06
CA THR B 158 -4.61 12.27 35.36
C THR B 158 -5.20 13.59 35.86
N ASN B 159 -4.41 14.30 36.67
CA ASN B 159 -4.86 15.52 37.34
C ASN B 159 -4.47 16.83 36.65
N ALA B 160 -3.51 16.77 35.73
CA ALA B 160 -3.10 17.94 34.96
C ALA B 160 -2.79 17.59 33.50
N ASN B 161 -2.45 18.60 32.70
CA ASN B 161 -1.87 18.37 31.40
C ASN B 161 -0.35 18.46 31.49
N VAL B 162 0.37 17.76 30.62
CA VAL B 162 1.80 18.04 30.44
C VAL B 162 2.06 18.25 28.95
N LYS B 163 2.79 19.31 28.61
CA LYS B 163 3.03 19.66 27.22
C LYS B 163 4.53 19.90 27.01
N ALA B 164 5.04 19.64 25.82
CA ALA B 164 6.47 19.87 25.55
C ALA B 164 6.73 21.35 25.26
N LEU B 165 7.77 21.92 25.85
CA LEU B 165 8.11 23.33 25.61
C LEU B 165 9.21 23.50 24.58
N THR B 166 10.37 22.92 24.88
CA THR B 166 11.43 22.80 23.91
C THR B 166 11.26 21.45 23.28
N TYR B 167 12.27 21.02 22.54
CA TYR B 167 12.27 19.65 22.07
C TYR B 167 12.62 18.76 23.24
N CYS B 168 11.93 17.64 23.32
CA CYS B 168 12.08 16.78 24.47
C CYS B 168 12.33 15.39 24.02
N ASP B 169 12.88 14.62 24.93
CA ASP B 169 13.19 13.28 24.62
C ASP B 169 12.84 12.47 25.85
N LEU B 170 11.82 11.64 25.70
CA LEU B 170 11.28 10.86 26.80
C LEU B 170 11.58 9.37 26.65
N GLN B 171 11.74 8.71 27.80
CA GLN B 171 11.68 7.28 27.89
C GLN B 171 10.43 7.00 28.66
N TYR B 172 9.84 5.85 28.42
CA TYR B 172 8.66 5.47 29.18
C TYR B 172 8.50 3.99 29.32
N ILE B 173 7.71 3.60 30.31
CA ILE B 173 7.28 2.22 30.44
C ILE B 173 5.77 2.19 30.66
N SER B 174 5.08 1.36 29.88
CA SER B 174 3.64 1.28 29.99
C SER B 174 3.28 0.71 31.36
N LEU B 175 2.17 1.19 31.95
CA LEU B 175 1.70 0.59 33.20
C LEU B 175 1.50 -0.92 33.06
N LYS B 176 1.06 -1.38 31.90
CA LYS B 176 0.76 -2.81 31.75
C LYS B 176 2.01 -3.69 31.82
N GLY B 177 3.01 -3.36 31.00
CA GLY B 177 4.25 -4.10 30.98
C GLY B 177 5.00 -3.99 32.30
N LEU B 178 4.87 -2.84 32.97
CA LEU B 178 5.48 -2.61 34.27
C LEU B 178 4.80 -3.43 35.37
N ARG B 179 3.49 -3.58 35.28
CA ARG B 179 2.81 -4.42 36.25
C ARG B 179 3.17 -5.90 36.05
N GLU B 180 3.46 -6.30 34.82
CA GLU B 180 3.80 -7.72 34.54
C GLU B 180 5.17 -8.12 35.09
N VAL B 181 6.15 -7.23 34.98
CA VAL B 181 7.48 -7.46 35.52
C VAL B 181 7.45 -7.44 37.04
N LEU B 182 6.76 -6.46 37.63
CA LEU B 182 6.72 -6.36 39.08
C LEU B 182 6.04 -7.57 39.72
N ARG B 183 5.17 -8.22 38.97
CA ARG B 183 4.52 -9.42 39.48
C ARG B 183 5.49 -10.56 39.67
N LEU B 184 6.55 -10.59 38.86
CA LEU B 184 7.54 -11.65 38.92
C LEU B 184 8.67 -11.30 39.88
N TYR B 185 8.71 -10.05 40.30
CA TYR B 185 9.75 -9.63 41.21
C TYR B 185 9.12 -8.94 42.41
N PRO B 186 8.42 -9.72 43.25
CA PRO B 186 7.53 -9.33 44.35
C PRO B 186 8.24 -8.55 45.47
N GLU B 187 9.44 -8.98 45.83
CA GLU B 187 10.20 -8.31 46.87
C GLU B 187 10.54 -6.93 46.36
N TYR B 188 11.07 -6.89 45.14
CA TYR B 188 11.36 -5.63 44.50
C TYR B 188 10.13 -4.76 44.30
N ALA B 189 9.00 -5.38 43.93
CA ALA B 189 7.72 -4.68 43.81
C ALA B 189 7.40 -3.92 45.09
N GLN B 190 7.59 -4.57 46.23
CA GLN B 190 7.37 -3.95 47.54
C GLN B 190 8.26 -2.73 47.74
N LYS B 191 9.54 -2.87 47.44
CA LYS B 191 10.48 -1.77 47.58
C LYS B 191 10.20 -0.70 46.55
N PHE B 192 9.69 -1.11 45.40
CA PHE B 192 9.44 -0.17 44.34
C PHE B 192 8.37 0.81 44.79
N VAL B 193 7.33 0.26 45.41
CA VAL B 193 6.16 1.05 45.81
C VAL B 193 6.47 2.01 46.95
N SER B 194 7.34 1.57 47.86
CA SER B 194 7.83 2.40 48.94
C SER B 194 8.70 3.54 48.41
N GLU B 195 9.63 3.21 47.51
CA GLU B 195 10.72 4.12 47.14
C GLU B 195 10.41 5.08 46.01
N ILE B 196 9.24 4.97 45.42
CA ILE B 196 8.94 5.73 44.22
C ILE B 196 8.72 7.22 44.51
N GLN B 197 7.98 7.50 45.58
CA GLN B 197 7.77 8.86 46.09
C GLN B 197 9.06 9.65 46.17
N HIS B 198 10.17 8.97 46.40
CA HIS B 198 11.47 9.63 46.47
C HIS B 198 11.84 10.24 45.13
N ASP B 199 11.66 9.45 44.07
CA ASP B 199 12.13 9.84 42.74
C ASP B 199 11.03 10.52 41.91
N LEU B 200 9.77 10.31 42.32
CA LEU B 200 8.64 10.87 41.59
C LEU B 200 8.64 12.39 41.65
N THR B 201 8.82 13.01 40.50
CA THR B 201 8.96 14.46 40.39
C THR B 201 7.61 15.15 40.41
N TYR B 202 6.71 14.73 39.54
CA TYR B 202 5.31 15.16 39.61
C TYR B 202 4.31 13.99 39.66
N ASN B 203 3.34 14.10 40.56
CA ASN B 203 2.31 13.09 40.77
C ASN B 203 1.01 13.40 40.03
N LEU B 204 0.64 12.51 39.11
CA LEU B 204 -0.52 12.71 38.24
C LEU B 204 -1.87 12.23 38.80
N ARG B 205 -1.84 11.52 39.93
CA ARG B 205 -3.08 11.13 40.61
C ARG B 205 -4.02 12.33 40.77
N GLU B 206 -5.22 12.10 41.27
CA GLU B 206 -6.15 13.20 41.53
C GLU B 206 -6.13 13.66 42.99
N TYR C 14 3.32 -8.61 -22.08
CA TYR C 14 4.61 -9.30 -22.27
C TYR C 14 4.47 -10.24 -23.46
N HIS C 15 3.43 -11.07 -23.42
CA HIS C 15 3.10 -11.95 -24.53
C HIS C 15 2.96 -11.14 -25.81
N THR C 16 2.28 -10.01 -25.71
CA THR C 16 2.08 -9.16 -26.87
C THR C 16 3.41 -8.72 -27.45
N ARG C 17 4.34 -8.35 -26.59
CA ARG C 17 5.62 -7.87 -27.07
C ARG C 17 6.53 -9.03 -27.43
N THR C 18 6.23 -10.20 -26.89
CA THR C 18 6.94 -11.41 -27.24
C THR C 18 6.68 -11.73 -28.71
N LYS C 19 5.42 -11.77 -29.10
CA LYS C 19 5.03 -12.05 -30.49
C LYS C 19 5.45 -10.92 -31.43
N ASP C 20 5.50 -9.70 -30.91
CA ASP C 20 5.94 -8.58 -31.72
C ASP C 20 7.42 -8.78 -32.08
N LEU C 21 8.14 -9.48 -31.21
CA LEU C 21 9.58 -9.71 -31.38
C LEU C 21 9.84 -10.95 -32.25
N LYS C 22 8.99 -11.96 -32.07
CA LYS C 22 9.05 -13.20 -32.85
C LYS C 22 8.78 -12.88 -34.31
N ASP C 23 7.78 -12.04 -34.55
CA ASP C 23 7.43 -11.61 -35.90
C ASP C 23 8.59 -10.80 -36.49
N PHE C 24 9.39 -10.17 -35.64
CA PHE C 24 10.48 -9.36 -36.15
C PHE C 24 11.60 -10.26 -36.65
N ILE C 25 11.82 -11.35 -35.93
CA ILE C 25 12.76 -12.39 -36.33
C ILE C 25 12.28 -13.07 -37.59
N ARG C 26 11.00 -13.40 -37.58
CA ARG C 26 10.39 -14.16 -38.65
C ARG C 26 10.53 -13.48 -40.00
N VAL C 27 10.32 -12.17 -40.04
CA VAL C 27 10.31 -11.45 -41.32
C VAL C 27 11.68 -10.92 -41.72
N HIS C 28 12.70 -11.27 -40.94
CA HIS C 28 14.06 -10.91 -41.33
C HIS C 28 14.88 -12.18 -41.40
N ARG C 29 14.19 -13.31 -41.26
CA ARG C 29 14.82 -14.61 -41.39
C ARG C 29 15.99 -14.71 -40.42
N LEU C 30 15.78 -14.25 -39.20
CA LEU C 30 16.83 -14.30 -38.19
C LEU C 30 17.05 -15.73 -37.70
N PRO C 31 18.29 -16.24 -37.86
CA PRO C 31 18.67 -17.59 -37.46
C PRO C 31 18.27 -17.93 -36.03
N LYS C 32 18.17 -19.23 -35.75
CA LYS C 32 17.75 -19.72 -34.43
C LYS C 32 18.65 -19.28 -33.28
N ALA C 33 19.97 -19.28 -33.50
CA ALA C 33 20.91 -18.93 -32.45
C ALA C 33 20.88 -17.43 -32.09
N LEU C 34 20.61 -16.59 -33.08
CA LEU C 34 20.50 -15.15 -32.87
C LEU C 34 19.18 -14.84 -32.17
N ALA C 35 18.12 -15.49 -32.66
CA ALA C 35 16.80 -15.37 -32.08
C ALA C 35 16.79 -15.80 -30.62
N GLN C 36 17.74 -16.65 -30.24
CA GLN C 36 17.85 -17.11 -28.85
C GLN C 36 18.55 -16.08 -28.00
N ARG C 37 19.45 -15.32 -28.62
CA ARG C 37 20.20 -14.26 -27.94
C ARG C 37 19.38 -12.98 -27.83
N MET C 38 18.20 -13.00 -28.44
CA MET C 38 17.28 -11.88 -28.31
C MET C 38 16.27 -12.24 -27.25
N LEU C 39 15.50 -13.28 -27.51
CA LEU C 39 14.55 -13.79 -26.53
C LEU C 39 15.10 -13.79 -25.10
N GLU C 40 16.40 -14.02 -24.98
CA GLU C 40 17.06 -13.93 -23.68
C GLU C 40 17.08 -12.47 -23.25
N CYS C 41 17.93 -11.67 -23.88
CA CYS C 41 18.04 -10.25 -23.55
C CYS C 41 16.66 -9.64 -23.34
N PHE C 42 15.68 -10.10 -24.12
CA PHE C 42 14.33 -9.59 -24.00
C PHE C 42 13.67 -10.00 -22.69
N GLN C 43 13.61 -11.31 -22.43
CA GLN C 43 12.97 -11.81 -21.22
C GLN C 43 13.79 -11.47 -19.97
N THR C 44 15.01 -11.01 -20.18
CA THR C 44 15.92 -10.77 -19.08
C THR C 44 15.95 -9.31 -18.66
N THR C 45 15.76 -8.42 -19.63
CA THR C 45 15.75 -6.98 -19.37
C THR C 45 14.33 -6.42 -19.46
N TRP C 46 13.34 -7.32 -19.37
CA TRP C 46 11.95 -6.96 -19.56
C TRP C 46 11.32 -6.37 -18.32
N SER C 47 10.38 -5.44 -18.53
CA SER C 47 9.59 -4.88 -17.47
C SER C 47 8.38 -4.25 -18.12
N VAL C 48 7.22 -4.44 -17.52
CA VAL C 48 5.98 -3.92 -18.10
C VAL C 48 6.10 -2.44 -18.39
N ASN C 49 6.74 -1.68 -17.51
CA ASN C 49 6.89 -0.24 -17.69
C ASN C 49 7.68 0.16 -18.93
N ASN C 50 8.64 -0.68 -19.34
CA ASN C 50 9.42 -0.46 -20.56
C ASN C 50 8.67 -0.72 -21.86
N GLY C 51 7.57 -1.47 -21.78
CA GLY C 51 6.81 -1.76 -22.98
C GLY C 51 5.33 -1.45 -22.98
N ILE C 52 4.93 -0.30 -22.44
CA ILE C 52 3.50 0.03 -22.39
C ILE C 52 2.89 0.34 -23.76
N ASP C 53 1.60 0.13 -23.86
CA ASP C 53 0.83 0.46 -25.06
C ASP C 53 0.50 1.96 -25.03
N VAL C 54 1.19 2.73 -25.86
CA VAL C 54 1.02 4.18 -25.86
C VAL C 54 0.18 4.71 -27.05
N SER C 55 -0.55 3.82 -27.71
CA SER C 55 -1.41 4.22 -28.83
C SER C 55 -2.70 4.85 -28.31
N GLU C 56 -3.21 5.86 -29.00
CA GLU C 56 -4.49 6.44 -28.64
C GLU C 56 -5.44 6.27 -29.81
N LEU C 57 -6.17 5.18 -29.80
CA LEU C 57 -6.94 4.73 -30.96
C LEU C 57 -8.31 5.39 -31.06
N LEU C 58 -8.81 5.93 -29.96
CA LEU C 58 -10.08 6.63 -29.94
C LEU C 58 -9.85 8.14 -30.12
N LYS C 59 -8.58 8.51 -30.28
CA LYS C 59 -8.13 9.88 -30.46
C LYS C 59 -8.96 10.66 -31.47
N ASP C 60 -9.15 10.08 -32.65
CA ASP C 60 -9.80 10.78 -33.75
C ASP C 60 -11.29 10.43 -33.91
N PHE C 61 -11.97 10.15 -32.81
CA PHE C 61 -13.41 9.89 -32.86
C PHE C 61 -14.24 11.14 -32.53
N PRO C 62 -15.40 11.31 -33.19
CA PRO C 62 -16.12 12.55 -32.90
C PRO C 62 -16.54 12.59 -31.44
N ASP C 63 -17.06 13.72 -30.98
CA ASP C 63 -17.30 13.88 -29.57
C ASP C 63 -18.48 13.06 -29.05
N GLU C 64 -19.56 12.97 -29.82
CA GLU C 64 -20.73 12.24 -29.35
C GLU C 64 -20.33 10.78 -29.14
N LEU C 65 -19.45 10.30 -30.01
CA LEU C 65 -19.12 8.87 -30.04
C LEU C 65 -18.18 8.53 -28.90
N ARG C 66 -17.11 9.30 -28.80
CA ARG C 66 -16.24 9.22 -27.64
C ARG C 66 -17.05 9.15 -26.34
N ALA C 67 -17.94 10.12 -26.13
CA ALA C 67 -18.80 10.18 -24.94
C ALA C 67 -19.59 8.90 -24.69
N ASP C 68 -20.20 8.38 -25.75
CA ASP C 68 -20.98 7.14 -25.67
C ASP C 68 -20.10 6.01 -25.20
N ILE C 69 -18.93 5.93 -25.79
CA ILE C 69 -18.01 4.86 -25.42
C ILE C 69 -17.71 4.90 -23.95
N ALA C 70 -17.32 6.10 -23.49
CA ALA C 70 -16.81 6.31 -22.14
C ALA C 70 -17.78 5.84 -21.09
N MET C 71 -19.03 6.26 -21.18
CA MET C 71 -20.00 5.93 -20.16
C MET C 71 -20.34 4.43 -20.13
N HIS C 72 -19.57 3.64 -20.87
CA HIS C 72 -19.67 2.18 -20.82
C HIS C 72 -18.48 1.59 -20.10
N LEU C 73 -17.49 2.44 -19.85
CA LEU C 73 -16.39 2.10 -18.98
C LEU C 73 -16.75 2.51 -17.54
N ASN C 74 -16.43 1.67 -16.58
CA ASN C 74 -16.60 2.06 -15.18
C ASN C 74 -15.29 1.90 -14.42
N LYS C 75 -14.27 2.64 -14.85
CA LYS C 75 -12.93 2.46 -14.32
C LYS C 75 -12.87 2.69 -12.81
N GLU C 76 -12.11 1.83 -12.14
CA GLU C 76 -11.94 1.93 -10.70
C GLU C 76 -10.85 2.96 -10.39
N LEU C 77 -9.79 2.94 -11.19
CA LEU C 77 -8.72 3.92 -11.05
C LEU C 77 -9.34 5.28 -10.78
N LEU C 78 -10.44 5.58 -11.47
CA LEU C 78 -11.01 6.91 -11.39
C LEU C 78 -11.90 7.08 -10.18
N GLN C 79 -12.24 5.99 -9.52
CA GLN C 79 -12.98 6.07 -8.27
C GLN C 79 -12.13 6.55 -7.09
N LEU C 80 -10.82 6.60 -7.28
CA LEU C 80 -9.91 7.15 -6.29
C LEU C 80 -10.22 8.60 -5.97
N PRO C 81 -10.13 8.97 -4.68
CA PRO C 81 -10.31 10.34 -4.19
C PRO C 81 -9.50 11.37 -4.95
N LEU C 82 -8.35 10.97 -5.48
CA LEU C 82 -7.47 11.83 -6.26
C LEU C 82 -8.22 12.61 -7.36
N PHE C 83 -9.21 11.97 -7.98
CA PHE C 83 -9.98 12.57 -9.08
C PHE C 83 -11.36 13.05 -8.66
N GLU C 84 -11.55 13.31 -7.38
CA GLU C 84 -12.82 13.82 -6.82
C GLU C 84 -13.35 15.05 -7.56
N SER C 85 -12.44 15.98 -7.81
CA SER C 85 -12.81 17.31 -8.27
C SER C 85 -12.65 17.42 -9.77
N ALA C 86 -12.54 16.30 -10.47
CA ALA C 86 -12.43 16.35 -11.93
C ALA C 86 -13.79 16.54 -12.56
N SER C 87 -13.84 17.41 -13.56
CA SER C 87 -15.04 17.56 -14.38
C SER C 87 -15.42 16.29 -15.14
N ARG C 88 -16.71 16.16 -15.43
CA ARG C 88 -17.22 15.06 -16.24
C ARG C 88 -16.43 14.89 -17.56
N GLY C 89 -16.04 15.99 -18.17
CA GLY C 89 -15.29 15.93 -19.41
C GLY C 89 -13.90 15.35 -19.19
N CYS C 90 -13.23 15.91 -18.20
CA CYS C 90 -11.92 15.47 -17.78
C CYS C 90 -11.90 14.00 -17.40
N LEU C 91 -12.97 13.54 -16.75
CA LEU C 91 -13.08 12.15 -16.37
C LEU C 91 -13.30 11.28 -17.60
N ARG C 92 -14.13 11.73 -18.53
CA ARG C 92 -14.28 10.99 -19.76
C ARG C 92 -12.90 10.93 -20.44
N SER C 93 -12.25 12.09 -20.59
CA SER C 93 -10.97 12.14 -21.29
C SER C 93 -10.03 11.13 -20.68
N LEU C 94 -10.07 11.00 -19.37
CA LEU C 94 -9.21 10.05 -18.69
C LEU C 94 -9.66 8.61 -18.89
N SER C 95 -10.96 8.34 -18.80
CA SER C 95 -11.38 6.96 -18.94
C SER C 95 -10.93 6.41 -20.28
N LEU C 96 -10.81 7.29 -21.27
CA LEU C 96 -10.57 6.89 -22.66
C LEU C 96 -9.12 6.53 -22.94
N ILE C 97 -8.21 6.91 -22.04
CA ILE C 97 -6.81 6.54 -22.22
C ILE C 97 -6.27 5.58 -21.15
N ILE C 98 -7.16 4.97 -20.36
CA ILE C 98 -6.75 3.96 -19.39
C ILE C 98 -6.47 2.63 -20.06
N LYS C 99 -5.20 2.34 -20.25
CA LYS C 99 -4.81 1.05 -20.75
C LYS C 99 -4.87 0.09 -19.57
N THR C 100 -4.95 -1.19 -19.88
CA THR C 100 -4.87 -2.22 -18.87
C THR C 100 -3.85 -3.31 -19.27
N SER C 101 -3.37 -4.07 -18.29
CA SER C 101 -2.41 -5.12 -18.58
C SER C 101 -2.56 -6.27 -17.59
N PHE C 102 -1.85 -7.36 -17.85
CA PHE C 102 -1.82 -8.48 -16.93
C PHE C 102 -0.35 -8.82 -16.67
N CYS C 103 -0.09 -9.37 -15.48
CA CYS C 103 1.26 -9.57 -14.99
C CYS C 103 1.41 -10.97 -14.45
N ALA C 104 2.54 -11.59 -14.74
CA ALA C 104 2.80 -12.95 -14.32
C ALA C 104 3.65 -12.98 -13.05
N PRO C 105 3.45 -14.00 -12.20
CA PRO C 105 4.29 -14.08 -11.02
C PRO C 105 5.77 -14.00 -11.41
N GLY C 106 6.51 -13.07 -10.82
CA GLY C 106 7.94 -13.00 -11.04
C GLY C 106 8.30 -11.89 -12.00
N GLU C 107 7.29 -11.34 -12.65
CA GLU C 107 7.44 -10.31 -13.67
C GLU C 107 7.68 -8.90 -13.09
N PHE C 108 8.65 -8.19 -13.66
CA PHE C 108 8.88 -6.80 -13.29
C PHE C 108 7.90 -5.87 -13.94
N LEU C 109 7.04 -5.28 -13.11
CA LEU C 109 6.28 -4.12 -13.53
C LEU C 109 7.21 -2.93 -13.78
N ILE C 110 8.14 -2.71 -12.86
CA ILE C 110 9.16 -1.66 -13.03
C ILE C 110 10.53 -2.15 -12.57
N ARG C 111 11.55 -1.83 -13.36
CA ARG C 111 12.96 -1.99 -12.95
C ARG C 111 13.54 -0.69 -12.41
N GLN C 112 14.25 -0.78 -11.29
CA GLN C 112 14.88 0.40 -10.69
C GLN C 112 15.84 1.08 -11.67
N GLY C 113 15.89 2.40 -11.64
CA GLY C 113 16.78 3.14 -12.53
C GLY C 113 16.12 3.49 -13.85
N ASP C 114 15.13 2.70 -14.25
CA ASP C 114 14.37 2.95 -15.49
C ASP C 114 13.54 4.24 -15.42
N ALA C 115 13.14 4.73 -16.59
CA ALA C 115 12.33 5.96 -16.66
C ALA C 115 10.88 5.61 -16.45
N LEU C 116 10.25 6.29 -15.50
CA LEU C 116 8.86 6.00 -15.23
C LEU C 116 8.03 6.41 -16.43
N GLN C 117 7.25 5.46 -16.93
CA GLN C 117 6.50 5.66 -18.17
C GLN C 117 5.02 5.92 -17.92
N ALA C 118 4.55 5.68 -16.70
CA ALA C 118 3.11 5.82 -16.38
C ALA C 118 2.82 5.73 -14.88
N ILE C 119 1.61 6.16 -14.48
CA ILE C 119 1.05 5.78 -13.21
C ILE C 119 0.29 4.45 -13.33
N TYR C 120 0.45 3.58 -12.33
CA TYR C 120 -0.14 2.24 -12.35
C TYR C 120 -1.13 2.04 -11.22
N PHE C 121 -2.06 1.12 -11.44
CA PHE C 121 -3.15 0.84 -10.51
C PHE C 121 -3.42 -0.67 -10.44
N VAL C 122 -3.26 -1.24 -9.26
CA VAL C 122 -3.47 -2.67 -9.06
C VAL C 122 -4.96 -3.00 -8.96
N CYS C 123 -5.45 -3.86 -9.85
CA CYS C 123 -6.82 -4.34 -9.78
C CYS C 123 -6.83 -5.67 -9.03
N SER C 124 -5.71 -6.38 -9.04
CA SER C 124 -5.63 -7.62 -8.26
C SER C 124 -4.21 -8.19 -8.24
N GLY C 125 -3.96 -9.08 -7.28
CA GLY C 125 -2.65 -9.66 -7.14
C GLY C 125 -1.85 -8.91 -6.09
N SER C 126 -0.65 -9.40 -5.81
CA SER C 126 0.21 -8.75 -4.84
C SER C 126 1.58 -8.55 -5.46
N MET C 127 2.20 -7.43 -5.12
CA MET C 127 3.45 -7.04 -5.73
C MET C 127 4.39 -6.59 -4.64
N GLU C 128 5.68 -6.63 -4.91
CA GLU C 128 6.67 -6.25 -3.92
C GLU C 128 7.55 -5.13 -4.47
N VAL C 129 7.73 -4.09 -3.67
CA VAL C 129 8.74 -3.10 -4.00
C VAL C 129 10.06 -3.62 -3.46
N LEU C 130 11.10 -3.53 -4.30
CA LEU C 130 12.45 -3.93 -3.95
C LEU C 130 13.45 -2.84 -4.31
N LYS C 131 14.27 -2.41 -3.34
CA LYS C 131 15.24 -1.36 -3.63
C LYS C 131 16.60 -1.99 -3.93
N ASP C 132 17.24 -2.50 -2.89
CA ASP C 132 18.49 -3.22 -3.05
C ASP C 132 18.30 -4.56 -2.36
N ASN C 133 17.48 -5.41 -2.95
CA ASN C 133 17.13 -6.70 -2.36
C ASN C 133 16.25 -6.58 -1.10
N THR C 134 16.03 -5.35 -0.62
CA THR C 134 15.16 -5.11 0.52
C THR C 134 13.72 -4.81 0.11
N VAL C 135 12.81 -5.68 0.50
CA VAL C 135 11.40 -5.45 0.23
C VAL C 135 10.92 -4.23 0.95
N LEU C 136 10.81 -3.12 0.23
CA LEU C 136 10.34 -1.88 0.83
C LEU C 136 8.85 -1.90 1.22
N ALA C 137 8.05 -2.74 0.57
CA ALA C 137 6.61 -2.69 0.78
C ALA C 137 5.88 -3.69 -0.08
N ILE C 138 4.74 -4.21 0.42
CA ILE C 138 3.88 -5.10 -0.36
C ILE C 138 2.59 -4.40 -0.81
N LEU C 139 2.27 -4.50 -2.11
CA LEU C 139 1.08 -3.87 -2.68
C LEU C 139 0.00 -4.87 -3.14
N GLY C 140 -1.26 -4.43 -3.13
CA GLY C 140 -2.37 -5.26 -3.54
C GLY C 140 -3.54 -4.39 -4.01
N LYS C 141 -4.70 -4.99 -4.26
CA LYS C 141 -5.80 -4.25 -4.90
C LYS C 141 -5.90 -2.82 -4.36
N GLY C 142 -6.17 -1.88 -5.27
CA GLY C 142 -6.39 -0.51 -4.89
C GLY C 142 -5.15 0.36 -4.84
N ASP C 143 -3.94 -0.23 -4.79
CA ASP C 143 -2.73 0.58 -4.64
C ASP C 143 -2.32 1.35 -5.88
N LEU C 144 -1.84 2.57 -5.66
CA LEU C 144 -1.45 3.47 -6.73
C LEU C 144 0.05 3.60 -6.81
N ILE C 145 0.66 3.25 -7.94
CA ILE C 145 2.10 3.39 -8.11
C ILE C 145 2.44 4.51 -9.09
N GLY C 146 3.37 5.37 -8.72
CA GLY C 146 3.76 6.45 -9.60
C GLY C 146 4.77 7.35 -8.94
N SER C 147 4.92 8.54 -9.49
CA SER C 147 5.84 9.55 -9.01
C SER C 147 5.07 10.85 -8.82
N ASP C 148 5.71 11.86 -8.22
CA ASP C 148 5.08 13.16 -8.08
C ASP C 148 5.67 14.29 -8.97
N SER C 149 6.81 14.08 -9.62
CA SER C 149 7.37 15.12 -10.51
C SER C 149 6.76 15.06 -11.91
N LEU C 150 5.46 14.85 -11.95
CA LEU C 150 4.77 14.32 -13.13
C LEU C 150 4.44 15.27 -14.28
N THR C 151 4.58 16.58 -14.07
CA THR C 151 4.26 17.54 -15.12
C THR C 151 5.50 18.29 -15.59
N LYS C 152 6.58 18.19 -14.83
CA LYS C 152 7.84 18.77 -15.25
C LYS C 152 8.13 18.38 -16.70
N GLU C 153 7.61 17.23 -17.12
CA GLU C 153 7.74 16.76 -18.50
C GLU C 153 9.14 16.20 -18.78
N GLN C 154 9.98 16.25 -17.77
CA GLN C 154 11.33 15.74 -17.85
C GLN C 154 11.29 14.23 -17.85
N VAL C 155 12.34 13.64 -17.30
CA VAL C 155 12.40 12.20 -17.08
C VAL C 155 12.54 11.90 -15.58
N ILE C 156 11.75 10.95 -15.10
CA ILE C 156 11.80 10.55 -13.70
C ILE C 156 12.46 9.18 -13.60
N LYS C 157 13.64 9.13 -12.99
CA LYS C 157 14.32 7.85 -12.81
C LYS C 157 13.79 7.16 -11.59
N THR C 158 13.21 5.98 -11.79
CA THR C 158 12.55 5.23 -10.71
C THR C 158 13.53 4.84 -9.60
N ASN C 159 13.05 4.89 -8.35
CA ASN C 159 13.92 4.65 -7.21
C ASN C 159 13.96 3.20 -6.70
N ALA C 160 13.30 2.28 -7.38
CA ALA C 160 13.20 0.91 -6.89
C ALA C 160 12.52 0.03 -7.89
N ASN C 161 12.53 -1.27 -7.65
CA ASN C 161 11.84 -2.24 -8.50
C ASN C 161 10.43 -2.46 -7.98
N VAL C 162 9.54 -2.81 -8.87
CA VAL C 162 8.26 -3.36 -8.49
C VAL C 162 8.07 -4.67 -9.26
N LYS C 163 7.96 -5.77 -8.52
CA LYS C 163 7.75 -7.10 -9.09
C LYS C 163 6.43 -7.73 -8.65
N ALA C 164 5.75 -8.42 -9.57
CA ALA C 164 4.54 -9.17 -9.23
C ALA C 164 4.90 -10.40 -8.41
N LEU C 165 4.15 -10.65 -7.33
CA LEU C 165 4.26 -11.88 -6.55
C LEU C 165 3.31 -12.93 -7.07
N THR C 166 2.19 -12.45 -7.59
CA THR C 166 1.18 -13.30 -8.18
C THR C 166 0.87 -12.79 -9.58
N TYR C 167 0.06 -13.54 -10.32
CA TYR C 167 -0.49 -13.00 -11.54
C TYR C 167 -1.25 -11.75 -11.11
N CYS C 168 -1.05 -10.65 -11.84
CA CYS C 168 -1.62 -9.36 -11.48
C CYS C 168 -2.36 -8.67 -12.60
N ASP C 169 -3.35 -7.89 -12.22
CA ASP C 169 -4.13 -7.14 -13.18
C ASP C 169 -3.92 -5.68 -12.86
N LEU C 170 -3.53 -4.89 -13.85
CA LEU C 170 -3.29 -3.49 -13.57
C LEU C 170 -4.02 -2.65 -14.57
N GLN C 171 -4.21 -1.39 -14.21
CA GLN C 171 -4.64 -0.38 -15.16
C GLN C 171 -3.53 0.64 -15.11
N TYR C 172 -3.42 1.48 -16.15
CA TYR C 172 -2.35 2.48 -16.11
C TYR C 172 -2.63 3.59 -17.06
N ILE C 173 -2.04 4.75 -16.80
CA ILE C 173 -2.14 5.89 -17.71
C ILE C 173 -0.74 6.32 -18.10
N SER C 174 -0.50 6.49 -19.40
CA SER C 174 0.80 6.90 -19.83
C SER C 174 1.03 8.27 -19.25
N LEU C 175 2.29 8.63 -18.99
CA LEU C 175 2.59 9.95 -18.45
C LEU C 175 2.26 11.05 -19.47
N LYS C 176 2.37 10.72 -20.76
CA LYS C 176 2.02 11.66 -21.83
C LYS C 176 0.51 11.88 -22.00
N GLY C 177 -0.25 10.79 -21.96
CA GLY C 177 -1.70 10.92 -22.03
C GLY C 177 -2.21 11.73 -20.84
N LEU C 178 -1.64 11.44 -19.68
CA LEU C 178 -1.92 12.16 -18.46
C LEU C 178 -1.65 13.67 -18.59
N ARG C 179 -0.42 14.02 -18.98
CA ARG C 179 -0.03 15.41 -19.26
C ARG C 179 -0.90 16.09 -20.33
N GLU C 180 -1.24 15.40 -21.42
CA GLU C 180 -2.11 16.01 -22.43
C GLU C 180 -3.50 16.30 -21.87
N VAL C 181 -4.06 15.39 -21.06
CA VAL C 181 -5.41 15.59 -20.52
C VAL C 181 -5.42 16.67 -19.44
N LEU C 182 -4.39 16.67 -18.61
CA LEU C 182 -4.25 17.70 -17.60
C LEU C 182 -4.01 19.09 -18.22
N ARG C 183 -3.40 19.13 -19.40
CA ARG C 183 -3.21 20.38 -20.11
C ARG C 183 -4.56 21.08 -20.37
N LEU C 184 -5.57 20.27 -20.71
CA LEU C 184 -6.93 20.70 -21.03
C LEU C 184 -7.85 21.01 -19.84
N TYR C 185 -7.53 20.47 -18.67
CA TYR C 185 -8.26 20.78 -17.45
C TYR C 185 -7.29 21.31 -16.39
N PRO C 186 -6.94 22.60 -16.52
CA PRO C 186 -5.99 23.40 -15.73
C PRO C 186 -6.40 23.56 -14.28
N GLU C 187 -7.67 23.85 -14.05
CA GLU C 187 -8.17 24.04 -12.70
C GLU C 187 -8.12 22.73 -11.91
N TYR C 188 -8.34 21.61 -12.59
CA TYR C 188 -8.20 20.32 -11.93
C TYR C 188 -6.76 19.84 -11.90
N ALA C 189 -5.98 20.21 -12.89
CA ALA C 189 -4.57 19.84 -12.93
C ALA C 189 -3.82 20.34 -11.70
N GLN C 190 -4.32 21.41 -11.11
CA GLN C 190 -3.70 22.01 -9.93
C GLN C 190 -3.96 21.15 -8.72
N LYS C 191 -5.23 20.81 -8.49
CA LYS C 191 -5.61 19.89 -7.42
C LYS C 191 -4.81 18.60 -7.54
N PHE C 192 -4.90 17.97 -8.70
CA PHE C 192 -4.20 16.72 -8.96
C PHE C 192 -2.73 16.77 -8.58
N VAL C 193 -2.08 17.85 -8.98
CA VAL C 193 -0.62 18.00 -8.84
C VAL C 193 -0.19 18.23 -7.39
N SER C 194 -1.11 18.73 -6.57
CA SER C 194 -0.86 18.87 -5.14
C SER C 194 -1.48 17.73 -4.30
N GLU C 195 -2.36 16.93 -4.90
CA GLU C 195 -2.91 15.79 -4.16
C GLU C 195 -2.08 14.52 -4.32
N ILE C 196 -1.60 14.25 -5.54
CA ILE C 196 -1.06 12.94 -5.87
C ILE C 196 -0.03 12.37 -4.88
N GLN C 197 0.89 13.21 -4.45
CA GLN C 197 1.78 12.90 -3.34
C GLN C 197 1.04 12.14 -2.22
N HIS C 198 -0.13 12.63 -1.85
CA HIS C 198 -0.88 12.02 -0.76
C HIS C 198 -1.59 10.74 -1.16
N ASP C 199 -1.91 10.58 -2.43
CA ASP C 199 -2.73 9.45 -2.85
C ASP C 199 -1.89 8.28 -3.35
N LEU C 200 -0.63 8.54 -3.63
CA LEU C 200 0.27 7.48 -4.03
C LEU C 200 0.45 6.50 -2.88
N THR C 201 0.54 5.24 -3.23
CA THR C 201 0.86 4.19 -2.27
C THR C 201 2.38 4.06 -2.19
N TYR C 202 3.06 4.22 -3.32
CA TYR C 202 4.51 4.20 -3.33
C TYR C 202 5.08 5.16 -4.37
N ASN C 203 6.02 5.97 -3.93
CA ASN C 203 6.59 7.04 -4.74
C ASN C 203 7.93 6.56 -5.27
N LEU C 204 8.00 6.44 -6.58
CA LEU C 204 9.15 5.90 -7.26
C LEU C 204 10.13 7.03 -7.57
N ARG C 205 9.84 8.23 -7.07
CA ARG C 205 10.69 9.38 -7.32
C ARG C 205 11.94 9.38 -6.43
N GLU C 206 13.04 9.91 -6.96
CA GLU C 206 14.35 9.91 -6.30
C GLU C 206 14.27 10.37 -4.85
CA ARG D 11 0.97 -7.83 -41.94
C ARG D 11 0.65 -6.33 -42.05
N SER D 12 -0.64 -6.01 -42.20
CA SER D 12 -1.11 -4.63 -42.39
C SER D 12 -1.46 -3.89 -41.10
N LEU D 13 -1.16 -2.58 -41.05
CA LEU D 13 -1.55 -1.72 -39.94
C LEU D 13 -3.06 -1.68 -39.73
N TYR D 14 -3.81 -1.50 -40.81
CA TYR D 14 -5.26 -1.47 -40.72
C TYR D 14 -5.82 -2.69 -39.99
N HIS D 15 -5.32 -3.87 -40.32
CA HIS D 15 -5.86 -5.10 -39.73
C HIS D 15 -5.42 -5.29 -38.27
N THR D 16 -4.15 -4.98 -38.01
CA THR D 16 -3.61 -4.94 -36.66
C THR D 16 -4.39 -4.00 -35.74
N ARG D 17 -4.71 -2.83 -36.26
CA ARG D 17 -5.42 -1.83 -35.46
C ARG D 17 -6.88 -2.23 -35.25
N THR D 18 -7.46 -2.80 -36.30
CA THR D 18 -8.78 -3.41 -36.22
C THR D 18 -8.83 -4.48 -35.12
N LYS D 19 -7.80 -5.32 -35.03
CA LYS D 19 -7.75 -6.34 -34.00
C LYS D 19 -7.67 -5.68 -32.65
N ASP D 20 -6.80 -4.67 -32.53
CA ASP D 20 -6.64 -3.93 -31.30
C ASP D 20 -7.97 -3.40 -30.83
N LEU D 21 -8.62 -2.63 -31.69
CA LEU D 21 -9.92 -2.06 -31.42
C LEU D 21 -10.97 -3.12 -31.08
N LYS D 22 -10.91 -4.26 -31.77
CA LYS D 22 -11.79 -5.38 -31.47
C LYS D 22 -11.50 -5.90 -30.07
N ASP D 23 -10.22 -6.00 -29.72
CA ASP D 23 -9.84 -6.43 -28.37
C ASP D 23 -10.47 -5.52 -27.33
N PHE D 24 -10.36 -4.22 -27.56
CA PHE D 24 -10.93 -3.19 -26.69
C PHE D 24 -12.42 -3.43 -26.47
N ILE D 25 -13.15 -3.52 -27.57
CA ILE D 25 -14.58 -3.77 -27.57
C ILE D 25 -14.98 -5.05 -26.83
N ARG D 26 -14.15 -6.09 -26.94
CA ARG D 26 -14.48 -7.36 -26.33
C ARG D 26 -13.90 -7.47 -24.91
N VAL D 27 -13.25 -6.39 -24.47
CA VAL D 27 -12.76 -6.32 -23.10
C VAL D 27 -13.70 -5.52 -22.23
N HIS D 28 -14.51 -4.68 -22.85
CA HIS D 28 -15.52 -3.92 -22.11
C HIS D 28 -16.91 -4.40 -22.50
N ARG D 29 -16.94 -5.57 -23.12
CA ARG D 29 -18.18 -6.19 -23.59
C ARG D 29 -19.10 -5.12 -24.16
N LEU D 30 -18.58 -4.35 -25.10
CA LEU D 30 -19.31 -3.21 -25.64
C LEU D 30 -20.44 -3.64 -26.55
N PRO D 31 -21.61 -3.02 -26.39
CA PRO D 31 -22.89 -3.37 -27.02
C PRO D 31 -22.83 -3.39 -28.55
N LYS D 32 -23.24 -4.52 -29.13
CA LYS D 32 -23.07 -4.81 -30.55
C LYS D 32 -23.28 -3.61 -31.48
N ALA D 33 -24.31 -2.83 -31.22
CA ALA D 33 -24.63 -1.69 -32.08
C ALA D 33 -23.58 -0.59 -31.96
N LEU D 34 -23.08 -0.38 -30.75
CA LEU D 34 -21.98 0.56 -30.50
C LEU D 34 -20.69 0.09 -31.19
N ALA D 35 -20.25 -1.12 -30.85
CA ALA D 35 -19.11 -1.73 -31.50
C ALA D 35 -19.14 -1.54 -33.03
N GLN D 36 -20.32 -1.23 -33.58
CA GLN D 36 -20.41 -1.01 -35.02
C GLN D 36 -20.09 0.42 -35.44
N ARG D 37 -20.75 1.39 -34.84
CA ARG D 37 -20.43 2.78 -35.15
C ARG D 37 -18.96 3.04 -34.86
N MET D 38 -18.40 2.30 -33.89
CA MET D 38 -16.95 2.37 -33.66
C MET D 38 -16.17 1.94 -34.89
N LEU D 39 -16.44 0.71 -35.36
CA LEU D 39 -15.77 0.14 -36.52
C LEU D 39 -16.00 0.97 -37.78
N GLU D 40 -17.24 1.43 -37.97
CA GLU D 40 -17.55 2.27 -39.13
C GLU D 40 -16.72 3.54 -39.10
N CYS D 41 -16.70 4.21 -37.95
CA CYS D 41 -15.91 5.42 -37.81
C CYS D 41 -14.40 5.16 -37.96
N PHE D 42 -13.97 3.94 -37.65
CA PHE D 42 -12.57 3.61 -37.77
C PHE D 42 -12.01 3.71 -39.19
N GLN D 43 -12.74 3.21 -40.19
CA GLN D 43 -12.32 3.37 -41.59
C GLN D 43 -12.44 4.82 -42.03
N THR D 44 -13.65 5.37 -41.94
CA THR D 44 -13.92 6.79 -42.18
C THR D 44 -12.73 7.69 -41.86
N THR D 45 -12.09 7.41 -40.73
CA THR D 45 -11.10 8.28 -40.13
C THR D 45 -9.69 7.71 -40.29
N TRP D 46 -9.58 6.67 -41.11
CA TRP D 46 -8.32 5.93 -41.23
C TRP D 46 -7.23 6.62 -42.04
N SER D 47 -6.02 6.55 -41.50
CA SER D 47 -4.82 7.11 -42.10
C SER D 47 -3.61 6.32 -41.61
N VAL D 48 -2.72 5.92 -42.51
CA VAL D 48 -1.50 5.21 -42.11
C VAL D 48 -0.66 6.03 -41.12
N ASN D 49 -0.65 7.35 -41.28
CA ASN D 49 0.03 8.24 -40.34
C ASN D 49 -0.77 8.52 -39.06
N ASN D 50 -2.05 8.21 -39.03
CA ASN D 50 -2.90 8.52 -37.87
C ASN D 50 -3.38 7.38 -36.94
N GLY D 51 -2.62 6.28 -36.81
CA GLY D 51 -1.36 6.12 -37.51
C GLY D 51 -0.42 5.00 -37.11
N ILE D 52 0.86 5.37 -37.05
CA ILE D 52 1.99 4.44 -37.04
C ILE D 52 2.26 3.73 -35.72
N ASP D 53 3.29 2.89 -35.72
CA ASP D 53 3.72 2.12 -34.56
C ASP D 53 5.00 2.72 -33.98
N VAL D 54 5.02 2.99 -32.68
CA VAL D 54 6.16 3.70 -32.09
C VAL D 54 7.11 2.89 -31.17
N SER D 55 6.73 1.67 -30.80
CA SER D 55 7.61 0.80 -30.01
C SER D 55 9.05 0.81 -30.54
N GLU D 56 10.01 0.47 -29.69
CA GLU D 56 11.41 0.59 -30.06
C GLU D 56 12.34 -0.53 -29.56
N LEU D 57 11.77 -1.50 -28.85
CA LEU D 57 12.52 -2.65 -28.33
C LEU D 57 14.04 -2.58 -28.57
N MET D 71 22.70 -6.35 -38.49
CA MET D 71 23.51 -6.87 -39.59
C MET D 71 22.73 -7.81 -40.50
N HIS D 72 21.59 -8.30 -40.04
CA HIS D 72 20.73 -9.16 -40.87
C HIS D 72 19.71 -8.31 -41.62
N LEU D 73 19.88 -6.98 -41.54
CA LEU D 73 18.96 -6.03 -42.13
C LEU D 73 19.72 -4.97 -42.94
N GLU D 76 16.85 -0.22 -47.58
CA GLU D 76 17.15 0.39 -48.87
C GLU D 76 16.78 1.86 -48.87
N LEU D 77 16.30 2.34 -47.73
CA LEU D 77 15.94 3.74 -47.56
C LEU D 77 17.18 4.48 -47.11
N LEU D 78 17.97 3.82 -46.29
CA LEU D 78 19.28 4.32 -45.86
C LEU D 78 20.29 4.33 -47.00
N GLN D 79 19.80 4.08 -48.21
CA GLN D 79 20.64 4.18 -49.40
C GLN D 79 20.91 5.65 -49.70
N LEU D 80 19.83 6.41 -49.86
CA LEU D 80 19.94 7.86 -50.04
C LEU D 80 20.61 8.49 -48.82
N LEU D 91 25.00 4.87 -38.77
CA LEU D 91 24.70 3.76 -39.68
C LEU D 91 23.72 2.78 -39.03
N ARG D 92 24.24 1.75 -38.40
CA ARG D 92 23.44 0.75 -37.68
C ARG D 92 22.36 1.38 -36.81
N SER D 93 22.48 2.68 -36.55
CA SER D 93 21.56 3.42 -35.70
C SER D 93 20.12 3.29 -36.18
N LEU D 94 19.83 3.94 -37.30
CA LEU D 94 18.49 3.97 -37.89
C LEU D 94 18.08 2.64 -38.53
N SER D 95 19.04 1.93 -39.09
CA SER D 95 18.76 0.61 -39.67
C SER D 95 17.95 -0.26 -38.69
N LEU D 96 18.09 0.01 -37.40
CA LEU D 96 17.43 -0.77 -36.35
C LEU D 96 16.15 -0.08 -35.82
N ILE D 97 15.83 1.07 -36.40
CA ILE D 97 14.61 1.77 -36.04
C ILE D 97 13.84 2.23 -37.27
N ILE D 98 14.27 1.78 -38.44
CA ILE D 98 13.49 2.00 -39.66
C ILE D 98 12.35 0.98 -39.69
N LYS D 99 11.13 1.50 -39.63
CA LYS D 99 9.94 0.66 -39.70
C LYS D 99 9.35 0.61 -41.13
N THR D 100 8.92 -0.56 -41.53
CA THR D 100 8.30 -0.71 -42.83
C THR D 100 6.83 -1.09 -42.65
N SER D 101 5.99 -0.57 -43.53
CA SER D 101 4.59 -0.93 -43.60
C SER D 101 4.17 -0.89 -45.07
N PHE D 102 3.15 -1.67 -45.43
CA PHE D 102 2.62 -1.58 -46.79
C PHE D 102 1.26 -0.84 -46.84
N CYS D 103 0.91 -0.33 -48.02
CA CYS D 103 -0.29 0.48 -48.19
C CYS D 103 -1.09 -0.04 -49.39
N ALA D 104 -2.31 -0.52 -49.16
CA ALA D 104 -3.14 -1.07 -50.24
C ALA D 104 -3.79 0.01 -51.12
N PRO D 105 -4.18 -0.36 -52.37
CA PRO D 105 -4.93 0.55 -53.23
C PRO D 105 -6.12 1.15 -52.48
N GLY D 106 -6.21 2.49 -52.50
CA GLY D 106 -7.31 3.19 -51.84
C GLY D 106 -6.91 3.82 -50.52
N GLU D 107 -6.13 3.10 -49.74
CA GLU D 107 -5.75 3.49 -48.39
C GLU D 107 -5.03 4.84 -48.34
N PHE D 108 -5.47 5.72 -47.45
CA PHE D 108 -4.82 7.00 -47.24
C PHE D 108 -3.57 6.83 -46.38
N LEU D 109 -2.42 7.21 -46.95
CA LEU D 109 -1.23 7.37 -46.14
C LEU D 109 -1.50 8.57 -45.24
N ILE D 110 -1.98 9.66 -45.83
CA ILE D 110 -2.30 10.89 -45.11
C ILE D 110 -3.76 11.33 -45.37
N ARG D 111 -4.33 12.06 -44.41
CA ARG D 111 -5.68 12.61 -44.58
C ARG D 111 -5.74 14.06 -44.09
N LEU D 116 1.22 14.52 -38.24
CA LEU D 116 2.26 14.20 -39.23
C LEU D 116 3.39 13.39 -38.58
N GLN D 117 3.03 12.23 -38.05
CA GLN D 117 3.87 11.44 -37.14
C GLN D 117 5.28 11.09 -37.66
N ALA D 118 5.42 10.90 -38.97
CA ALA D 118 6.70 10.51 -39.56
C ALA D 118 6.94 11.06 -40.97
N ILE D 119 8.11 10.73 -41.52
CA ILE D 119 8.50 11.03 -42.90
C ILE D 119 8.64 9.72 -43.69
N TYR D 120 8.18 9.70 -44.94
CA TYR D 120 7.99 8.43 -45.64
C TYR D 120 8.81 8.22 -46.92
N PHE D 121 9.40 7.04 -47.05
CA PHE D 121 10.07 6.66 -48.29
C PHE D 121 9.25 5.59 -49.01
N VAL D 122 8.86 5.90 -50.23
CA VAL D 122 8.05 5.01 -51.04
C VAL D 122 8.95 3.99 -51.75
N CYS D 123 9.19 2.86 -51.10
CA CYS D 123 9.93 1.77 -51.74
C CYS D 123 9.34 1.53 -53.12
N SER D 124 8.10 1.06 -53.15
CA SER D 124 7.40 0.76 -54.38
C SER D 124 6.00 1.33 -54.42
N GLY D 125 5.34 1.16 -55.56
CA GLY D 125 3.98 1.62 -55.72
C GLY D 125 3.86 3.03 -56.25
N SER D 126 2.64 3.44 -56.53
CA SER D 126 2.38 4.82 -56.88
C SER D 126 1.36 5.43 -55.92
N MET D 127 1.55 6.71 -55.61
CA MET D 127 0.63 7.41 -54.73
C MET D 127 0.19 8.70 -55.39
N GLU D 128 -1.06 9.07 -55.20
CA GLU D 128 -1.56 10.36 -55.68
C GLU D 128 -1.61 11.35 -54.52
N VAL D 129 -1.54 12.64 -54.81
CA VAL D 129 -1.45 13.65 -53.75
C VAL D 129 -2.56 14.72 -53.86
N LEU D 130 -3.81 14.29 -53.66
CA LEU D 130 -4.96 15.20 -53.73
C LEU D 130 -4.78 16.39 -52.82
N ASN D 133 -9.13 17.97 -54.14
CA ASN D 133 -9.26 17.42 -55.48
C ASN D 133 -8.02 17.62 -56.34
N THR D 134 -7.44 18.81 -56.27
CA THR D 134 -6.25 19.10 -57.05
C THR D 134 -5.14 18.11 -56.70
N VAL D 135 -4.93 17.15 -57.60
CA VAL D 135 -3.84 16.19 -57.53
C VAL D 135 -2.52 16.93 -57.66
N LEU D 136 -1.95 17.34 -56.54
CA LEU D 136 -0.71 18.11 -56.58
C LEU D 136 0.47 17.35 -57.19
N ALA D 137 0.35 16.02 -57.28
CA ALA D 137 1.43 15.17 -57.79
C ALA D 137 1.10 13.68 -57.94
N ILE D 138 2.16 12.89 -58.09
CA ILE D 138 2.10 11.43 -58.20
C ILE D 138 3.47 10.85 -57.80
N LEU D 139 3.56 10.38 -56.56
CA LEU D 139 4.81 9.82 -56.04
C LEU D 139 5.00 8.36 -56.44
N GLY D 140 6.25 7.89 -56.48
CA GLY D 140 6.55 6.52 -56.82
C GLY D 140 7.79 6.05 -56.11
N LYS D 141 8.37 4.95 -56.59
CA LYS D 141 9.61 4.44 -56.03
C LYS D 141 10.66 5.52 -55.87
N GLY D 142 11.50 5.34 -54.86
CA GLY D 142 12.60 6.25 -54.58
C GLY D 142 12.21 7.63 -54.08
N ASP D 143 10.92 7.95 -54.15
CA ASP D 143 10.48 9.27 -53.73
C ASP D 143 10.23 9.29 -52.22
N LEU D 144 10.26 10.48 -51.63
CA LEU D 144 10.07 10.64 -50.18
C LEU D 144 8.98 11.65 -49.85
N ILE D 145 8.11 11.29 -48.90
CA ILE D 145 6.88 12.05 -48.63
C ILE D 145 6.79 12.51 -47.17
N ALA D 160 -3.07 18.69 -47.46
CA ALA D 160 -3.01 17.80 -48.62
C ALA D 160 -3.21 16.32 -48.26
N ASN D 161 -4.24 15.70 -48.83
CA ASN D 161 -4.40 14.25 -48.73
C ASN D 161 -3.33 13.52 -49.56
N VAL D 162 -2.98 12.30 -49.15
CA VAL D 162 -1.95 11.50 -49.84
C VAL D 162 -2.35 10.02 -49.86
N LYS D 163 -2.86 9.56 -50.99
CA LYS D 163 -3.46 8.23 -51.10
C LYS D 163 -2.62 7.23 -51.89
N ALA D 164 -2.93 5.94 -51.73
CA ALA D 164 -2.29 4.89 -52.52
C ALA D 164 -3.06 4.59 -53.81
N LEU D 165 -2.33 4.38 -54.90
CA LEU D 165 -2.95 4.10 -56.19
C LEU D 165 -2.86 2.62 -56.50
N THR D 166 -1.74 2.03 -56.11
CA THR D 166 -1.50 0.61 -56.27
C THR D 166 -1.10 0.13 -54.89
N TYR D 167 -0.59 -1.09 -54.79
CA TYR D 167 0.03 -1.50 -53.53
C TYR D 167 1.25 -0.67 -53.39
N CYS D 168 1.52 -0.23 -52.17
CA CYS D 168 2.70 0.60 -51.93
C CYS D 168 3.53 0.06 -50.77
N ASP D 169 4.84 -0.02 -50.97
CA ASP D 169 5.77 -0.41 -49.91
C ASP D 169 6.41 0.83 -49.30
N LEU D 170 5.95 1.21 -48.12
CA LEU D 170 6.44 2.42 -47.49
C LEU D 170 7.44 2.08 -46.35
N GLN D 171 8.35 3.02 -46.06
CA GLN D 171 9.28 2.91 -44.94
C GLN D 171 9.44 4.27 -44.26
N TYR D 172 9.59 4.26 -42.94
CA TYR D 172 9.65 5.50 -42.18
C TYR D 172 10.44 5.43 -40.89
N ILE D 173 10.82 6.60 -40.38
CA ILE D 173 11.38 6.74 -39.04
C ILE D 173 10.45 7.62 -38.22
N SER D 174 10.50 7.47 -36.90
CA SER D 174 9.61 8.25 -36.05
C SER D 174 10.11 9.68 -35.92
#